data_2J5V
#
_entry.id   2J5V
#
_cell.length_a   101.455
_cell.length_b   101.455
_cell.length_c   178.728
_cell.angle_alpha   90.00
_cell.angle_beta   90.00
_cell.angle_gamma   90.00
#
_symmetry.space_group_name_H-M   'P 41 21 2'
#
loop_
_entity.id
_entity.type
_entity.pdbx_description
1 polymer 'GLUTAMATE 5-KINASE'
2 non-polymer 'MAGNESIUM ION'
3 non-polymer 'PYROGLUTAMIC ACID'
4 non-polymer 'GAMMA-GLUTAMYL PHOSPHATE'
5 non-polymer 'SULFATE ION'
6 water water
#
_entity_poly.entity_id   1
_entity_poly.type   'polypeptide(L)'
_entity_poly.pdbx_seq_one_letter_code
;MSDSQTLVVKLGTSVLTGGSRRLNRAHIVELVRQCAQLHAAGHRIVIVTSGAIAAGREHLGYPELPATIASKQLLAAVGQ
SRLIQLWEQLFSIYGIHVGQMLLTRADMEDRERFLNARDTLRALLDNNVVPVINENDAVATAEIKVGDNDNLSALAAILA
GADKLLLLTDQKGLYTADPRSNPQAELIKDVYGIDDALRAIAGDSVSGLGTGGMSTKLQAADVACRAGIDTIIAAGSKPG
VIGDVMEGISVGTLFHAQATPLENRKRWIFGAPPAGEITVDEGATAAILERGSSLLPKGIKSVTGNFSRGEVIRICNLEG
RDIAHGVSRYNSDALRRIAGHHSQEIDAILGYEYGPVAVHRDDMITR
;
_entity_poly.pdbx_strand_id   A,B
#
# COMPACT_ATOMS: atom_id res chain seq x y z
N ASP A 3 -24.03 23.72 7.49
CA ASP A 3 -25.32 23.11 7.04
C ASP A 3 -25.11 21.94 6.06
N SER A 4 -24.19 22.09 5.13
CA SER A 4 -23.74 20.98 4.30
C SER A 4 -22.94 20.01 5.19
N GLN A 5 -23.09 18.71 4.99
CA GLN A 5 -22.46 17.73 5.89
C GLN A 5 -21.62 16.65 5.17
N THR A 6 -20.87 15.87 5.95
CA THR A 6 -20.05 14.78 5.41
C THR A 6 -20.43 13.44 6.04
N LEU A 7 -20.96 12.55 5.21
CA LEU A 7 -21.40 11.23 5.68
C LEU A 7 -20.58 10.10 5.04
N VAL A 8 -20.14 9.19 5.91
CA VAL A 8 -19.53 7.94 5.49
C VAL A 8 -20.56 6.82 5.66
N VAL A 9 -20.82 6.09 4.57
CA VAL A 9 -21.74 4.96 4.62
C VAL A 9 -20.95 3.66 4.40
N LYS A 10 -21.08 2.75 5.35
CA LYS A 10 -20.37 1.48 5.26
C LYS A 10 -21.38 0.39 4.95
N LEU A 11 -21.06 -0.38 3.91
CA LEU A 11 -21.90 -1.44 3.39
C LEU A 11 -21.07 -2.71 3.33
N GLY A 12 -21.30 -3.60 4.29
CA GLY A 12 -20.67 -4.91 4.28
C GLY A 12 -21.33 -5.86 3.29
N THR A 13 -20.74 -7.03 3.15
CA THR A 13 -21.14 -8.02 2.17
C THR A 13 -22.61 -8.45 2.27
N SER A 14 -23.11 -8.64 3.48
CA SER A 14 -24.45 -9.19 3.56
C SER A 14 -25.47 -8.11 3.22
N VAL A 15 -25.05 -6.85 3.30
CA VAL A 15 -25.91 -5.75 2.90
C VAL A 15 -25.99 -5.66 1.37
N LEU A 16 -24.82 -5.76 0.73
CA LEU A 16 -24.71 -5.66 -0.71
C LEU A 16 -25.32 -6.86 -1.46
N THR A 17 -25.36 -8.02 -0.81
CA THR A 17 -25.93 -9.21 -1.44
C THR A 17 -27.39 -9.44 -1.05
N GLY A 18 -27.87 -8.67 -0.07
CA GLY A 18 -29.17 -8.94 0.55
C GLY A 18 -29.19 -10.34 1.15
N GLY A 19 -28.04 -10.84 1.58
CA GLY A 19 -27.99 -12.14 2.25
C GLY A 19 -27.93 -13.36 1.31
N SER A 20 -27.61 -13.12 0.04
CA SER A 20 -27.37 -14.22 -0.91
C SER A 20 -25.91 -14.24 -1.28
N ARG A 21 -25.54 -15.02 -2.29
CA ARG A 21 -24.13 -15.05 -2.70
C ARG A 21 -23.80 -14.20 -3.95
N ARG A 22 -24.80 -13.44 -4.40
CA ARG A 22 -24.63 -12.52 -5.51
C ARG A 22 -24.93 -11.10 -5.05
N LEU A 23 -24.11 -10.16 -5.49
CA LEU A 23 -24.41 -8.75 -5.30
C LEU A 23 -25.78 -8.42 -5.88
N ASN A 24 -26.59 -7.72 -5.08
CA ASN A 24 -27.95 -7.37 -5.47
C ASN A 24 -28.02 -5.94 -6.01
N ARG A 25 -28.03 -5.81 -7.34
CA ARG A 25 -28.01 -4.51 -8.00
C ARG A 25 -29.25 -3.66 -7.64
N ALA A 26 -30.41 -4.31 -7.51
CA ALA A 26 -31.64 -3.64 -7.09
C ALA A 26 -31.49 -2.95 -5.73
N HIS A 27 -30.95 -3.68 -4.74
CA HIS A 27 -30.84 -3.18 -3.37
C HIS A 27 -29.81 -2.07 -3.37
N ILE A 28 -28.71 -2.27 -4.10
CA ILE A 28 -27.64 -1.30 -4.15
C ILE A 28 -28.06 0.03 -4.81
N VAL A 29 -28.73 -0.04 -5.97
CA VAL A 29 -29.11 1.19 -6.66
C VAL A 29 -30.03 2.06 -5.81
N GLU A 30 -30.89 1.40 -5.04
CA GLU A 30 -31.75 2.08 -4.06
C GLU A 30 -30.94 2.88 -3.03
N LEU A 31 -29.89 2.26 -2.51
CA LEU A 31 -29.00 2.94 -1.56
C LEU A 31 -28.20 4.05 -2.25
N VAL A 32 -27.76 3.79 -3.49
CA VAL A 32 -27.14 4.83 -4.31
C VAL A 32 -28.08 6.01 -4.50
N ARG A 33 -29.34 5.73 -4.80
CA ARG A 33 -30.34 6.80 -4.98
C ARG A 33 -30.45 7.71 -3.74
N GLN A 34 -30.35 7.10 -2.57
CA GLN A 34 -30.43 7.85 -1.33
C GLN A 34 -29.21 8.76 -1.16
N CYS A 35 -28.02 8.23 -1.49
CA CYS A 35 -26.79 8.99 -1.46
C CYS A 35 -26.81 10.14 -2.44
N ALA A 36 -27.19 9.83 -3.68
CA ALA A 36 -27.27 10.81 -4.75
C ALA A 36 -28.17 12.02 -4.38
N GLN A 37 -29.29 11.74 -3.71
CA GLN A 37 -30.21 12.77 -3.27
C GLN A 37 -29.52 13.69 -2.26
N LEU A 38 -28.69 13.13 -1.39
CA LEU A 38 -27.94 13.94 -0.46
C LEU A 38 -26.82 14.71 -1.16
N HIS A 39 -26.15 14.05 -2.12
CA HIS A 39 -25.13 14.71 -2.91
C HIS A 39 -25.69 15.94 -3.67
N ALA A 40 -26.78 15.73 -4.42
CA ALA A 40 -27.44 16.83 -5.14
C ALA A 40 -27.80 18.01 -4.21
N ALA A 41 -28.02 17.74 -2.93
CA ALA A 41 -28.42 18.80 -2.00
C ALA A 41 -27.21 19.47 -1.31
N GLY A 42 -26.00 19.07 -1.71
CA GLY A 42 -24.78 19.72 -1.26
C GLY A 42 -23.92 18.91 -0.29
N HIS A 43 -24.48 17.81 0.21
CA HIS A 43 -23.79 16.95 1.15
C HIS A 43 -22.61 16.16 0.54
N ARG A 44 -21.63 15.83 1.38
CA ARG A 44 -20.47 15.06 0.95
C ARG A 44 -20.65 13.62 1.38
N ILE A 45 -20.65 12.73 0.39
CA ILE A 45 -20.84 11.30 0.61
C ILE A 45 -19.55 10.52 0.32
N VAL A 46 -19.20 9.64 1.24
CA VAL A 46 -18.08 8.72 1.09
C VAL A 46 -18.60 7.29 1.25
N ILE A 47 -18.24 6.41 0.32
CA ILE A 47 -18.64 4.98 0.40
C ILE A 47 -17.48 4.10 0.89
N VAL A 48 -17.75 3.29 1.91
CA VAL A 48 -16.84 2.22 2.26
C VAL A 48 -17.56 0.92 1.95
N THR A 49 -17.06 0.19 0.94
CA THR A 49 -17.73 -0.99 0.40
C THR A 49 -16.95 -2.29 0.65
N SER A 50 -17.67 -3.35 1.01
CA SER A 50 -17.12 -4.70 1.03
C SER A 50 -17.43 -5.40 -0.33
N GLY A 51 -17.44 -6.74 -0.34
CA GLY A 51 -17.96 -7.47 -1.48
C GLY A 51 -17.02 -7.82 -2.64
N ALA A 52 -15.73 -7.49 -2.54
CA ALA A 52 -14.75 -7.85 -3.58
C ALA A 52 -14.69 -9.37 -3.82
N ILE A 53 -14.54 -10.13 -2.73
CA ILE A 53 -14.53 -11.60 -2.84
C ILE A 53 -15.84 -12.15 -3.40
N ALA A 54 -16.99 -11.68 -2.91
CA ALA A 54 -18.26 -12.17 -3.47
C ALA A 54 -18.41 -11.83 -4.95
N ALA A 55 -18.03 -10.60 -5.32
CA ALA A 55 -18.05 -10.19 -6.73
C ALA A 55 -17.12 -11.09 -7.57
N GLY A 56 -15.94 -11.40 -7.02
CA GLY A 56 -14.99 -12.25 -7.71
C GLY A 56 -15.47 -13.67 -7.98
N ARG A 57 -16.06 -14.30 -6.96
CA ARG A 57 -16.55 -15.67 -7.12
C ARG A 57 -17.63 -15.72 -8.17
N GLU A 58 -18.50 -14.75 -8.15
CA GLU A 58 -19.60 -14.74 -9.11
C GLU A 58 -19.07 -14.53 -10.53
N HIS A 59 -18.16 -13.57 -10.68
CA HIS A 59 -17.62 -13.26 -11.98
C HIS A 59 -16.85 -14.43 -12.57
N LEU A 60 -16.12 -15.16 -11.73
CA LEU A 60 -15.44 -16.36 -12.25
C LEU A 60 -16.34 -17.61 -12.37
N GLY A 61 -17.59 -17.52 -11.95
CA GLY A 61 -18.51 -18.66 -12.03
C GLY A 61 -18.33 -19.67 -10.91
N TYR A 62 -17.92 -19.19 -9.74
CA TYR A 62 -17.74 -20.03 -8.55
C TYR A 62 -16.76 -21.19 -8.79
N PRO A 63 -15.50 -20.88 -9.13
CA PRO A 63 -14.49 -21.92 -9.39
C PRO A 63 -14.10 -22.66 -8.11
N GLU A 64 -13.64 -23.90 -8.24
CA GLU A 64 -13.10 -24.65 -7.12
C GLU A 64 -11.67 -24.16 -6.86
N LEU A 65 -11.46 -23.46 -5.76
CA LEU A 65 -10.15 -22.89 -5.44
C LEU A 65 -9.61 -23.45 -4.14
N PRO A 66 -8.26 -23.61 -4.05
CA PRO A 66 -7.61 -23.99 -2.78
C PRO A 66 -7.98 -23.01 -1.67
N ALA A 67 -8.24 -23.54 -0.47
CA ALA A 67 -8.61 -22.72 0.68
C ALA A 67 -7.35 -22.08 1.26
N THR A 68 -6.77 -21.15 0.52
CA THR A 68 -5.54 -20.47 0.91
C THR A 68 -5.78 -18.98 0.84
N ILE A 69 -4.80 -18.19 1.27
CA ILE A 69 -4.99 -16.76 1.20
C ILE A 69 -4.76 -16.23 -0.22
N ALA A 70 -3.91 -16.90 -0.99
CA ALA A 70 -3.69 -16.52 -2.39
C ALA A 70 -5.01 -16.62 -3.19
N SER A 71 -5.82 -17.65 -2.91
CA SER A 71 -7.17 -17.76 -3.50
C SER A 71 -8.02 -16.52 -3.20
N LYS A 72 -8.08 -16.10 -1.95
CA LYS A 72 -8.80 -14.90 -1.53
C LYS A 72 -8.27 -13.65 -2.19
N GLN A 73 -6.97 -13.64 -2.47
CA GLN A 73 -6.34 -12.47 -3.05
C GLN A 73 -6.61 -12.38 -4.52
N LEU A 74 -6.64 -13.53 -5.18
CA LEU A 74 -7.02 -13.58 -6.58
C LEU A 74 -8.48 -13.19 -6.76
N LEU A 75 -9.36 -13.68 -5.88
CA LEU A 75 -10.80 -13.33 -5.89
C LEU A 75 -11.01 -11.82 -5.70
N ALA A 76 -10.24 -11.22 -4.79
CA ALA A 76 -10.31 -9.79 -4.56
C ALA A 76 -9.79 -8.99 -5.75
N ALA A 77 -8.75 -9.51 -6.41
CA ALA A 77 -8.16 -8.82 -7.55
C ALA A 77 -9.18 -8.76 -8.71
N VAL A 78 -9.84 -9.89 -8.99
CA VAL A 78 -10.92 -9.92 -9.97
C VAL A 78 -12.16 -9.14 -9.46
N GLY A 79 -12.49 -9.33 -8.18
CA GLY A 79 -13.70 -8.80 -7.58
C GLY A 79 -13.71 -7.29 -7.38
N GLN A 80 -12.58 -6.73 -6.94
CA GLN A 80 -12.47 -5.28 -6.75
C GLN A 80 -12.75 -4.60 -8.07
N SER A 81 -12.23 -5.19 -9.14
CA SER A 81 -12.42 -4.66 -10.48
C SER A 81 -13.93 -4.59 -10.84
N ARG A 82 -14.66 -5.69 -10.65
CA ARG A 82 -16.12 -5.70 -10.81
C ARG A 82 -16.82 -4.72 -9.86
N LEU A 83 -16.33 -4.62 -8.64
CA LEU A 83 -16.96 -3.83 -7.62
C LEU A 83 -16.92 -2.33 -7.97
N ILE A 84 -15.74 -1.83 -8.30
CA ILE A 84 -15.59 -0.41 -8.63
C ILE A 84 -16.42 -0.09 -9.85
N GLN A 85 -16.49 -1.01 -10.79
CA GLN A 85 -17.30 -0.86 -11.99
C GLN A 85 -18.78 -0.75 -11.60
N LEU A 86 -19.27 -1.63 -10.75
CA LEU A 86 -20.67 -1.53 -10.32
C LEU A 86 -21.01 -0.18 -9.63
N TRP A 87 -20.10 0.33 -8.81
CA TRP A 87 -20.38 1.56 -8.09
C TRP A 87 -20.38 2.74 -9.06
N GLU A 88 -19.46 2.69 -10.02
CA GLU A 88 -19.39 3.73 -11.01
C GLU A 88 -20.64 3.74 -11.89
N GLN A 89 -21.05 2.58 -12.36
CA GLN A 89 -22.20 2.45 -13.25
C GLN A 89 -23.45 3.00 -12.58
N LEU A 90 -23.65 2.64 -11.31
CA LEU A 90 -24.85 3.05 -10.60
C LEU A 90 -24.85 4.52 -10.23
N PHE A 91 -23.74 5.01 -9.67
CA PHE A 91 -23.67 6.44 -9.41
C PHE A 91 -23.83 7.30 -10.66
N SER A 92 -23.45 6.77 -11.82
CA SER A 92 -23.51 7.56 -13.02
C SER A 92 -24.95 7.74 -13.46
N ILE A 93 -25.82 6.81 -13.07
CA ILE A 93 -27.26 6.94 -13.30
C ILE A 93 -27.74 8.33 -12.82
N TYR A 94 -27.06 8.82 -11.79
CA TYR A 94 -27.43 10.06 -11.11
C TYR A 94 -26.50 11.22 -11.45
N GLY A 95 -25.67 11.03 -12.48
CA GLY A 95 -24.68 12.00 -12.90
C GLY A 95 -23.56 12.22 -11.89
N ILE A 96 -23.14 11.15 -11.19
CA ILE A 96 -22.13 11.29 -10.15
C ILE A 96 -20.93 10.40 -10.43
N HIS A 97 -19.74 11.00 -10.34
CA HIS A 97 -18.48 10.28 -10.52
C HIS A 97 -17.95 9.67 -9.25
N VAL A 98 -17.18 8.60 -9.38
CA VAL A 98 -16.57 7.94 -8.22
C VAL A 98 -15.06 7.90 -8.36
N GLY A 99 -14.36 7.68 -7.25
CA GLY A 99 -12.91 7.53 -7.28
C GLY A 99 -12.50 6.40 -6.36
N GLN A 100 -11.73 5.46 -6.89
CA GLN A 100 -11.29 4.27 -6.13
C GLN A 100 -10.11 4.60 -5.22
N MET A 101 -10.24 4.25 -3.95
CA MET A 101 -9.13 4.33 -2.99
C MET A 101 -9.04 2.99 -2.28
N LEU A 102 -7.87 2.37 -2.38
CA LEU A 102 -7.59 1.09 -1.75
C LEU A 102 -6.44 1.29 -0.77
N LEU A 103 -6.64 0.83 0.45
CA LEU A 103 -5.65 1.06 1.49
C LEU A 103 -5.62 0.01 2.58
N THR A 104 -4.54 0.07 3.36
CA THR A 104 -4.34 -0.75 4.51
C THR A 104 -3.81 0.16 5.65
N ARG A 105 -3.52 -0.44 6.79
CA ARG A 105 -2.93 0.30 7.90
C ARG A 105 -1.56 0.90 7.53
N ALA A 106 -0.87 0.30 6.55
CA ALA A 106 0.44 0.81 6.08
C ALA A 106 0.35 2.26 5.57
N ASP A 107 -0.75 2.56 4.92
CA ASP A 107 -0.99 3.91 4.43
C ASP A 107 -1.30 4.89 5.57
N MET A 108 -1.22 4.41 6.81
CA MET A 108 -1.51 5.20 7.99
C MET A 108 -0.48 4.94 9.09
N GLU A 109 0.63 4.28 8.73
CA GLU A 109 1.71 4.00 9.67
C GLU A 109 2.49 5.27 10.10
N ASP A 110 2.22 6.38 9.43
CA ASP A 110 3.00 7.63 9.43
C ASP A 110 2.05 8.78 9.46
N ARG A 111 2.49 9.91 9.99
CA ARG A 111 1.73 11.15 9.81
C ARG A 111 1.65 11.50 8.32
N GLU A 112 2.77 11.41 7.60
CA GLU A 112 2.80 11.85 6.20
C GLU A 112 1.83 11.07 5.31
N ARG A 113 1.87 9.74 5.43
CA ARG A 113 1.01 8.86 4.63
C ARG A 113 -0.44 9.02 5.03
N PHE A 114 -0.69 9.22 6.33
CA PHE A 114 -2.03 9.53 6.78
C PHE A 114 -2.53 10.82 6.12
N LEU A 115 -1.73 11.89 6.19
CA LEU A 115 -2.17 13.17 5.65
C LEU A 115 -2.33 13.10 4.14
N ASN A 116 -1.47 12.32 3.49
CA ASN A 116 -1.55 12.16 2.06
C ASN A 116 -2.91 11.57 1.65
N ALA A 117 -3.32 10.48 2.30
CA ALA A 117 -4.65 9.92 2.10
C ALA A 117 -5.75 10.94 2.45
N ARG A 118 -5.62 11.64 3.58
CA ARG A 118 -6.61 12.66 3.95
C ARG A 118 -6.84 13.64 2.79
N ASP A 119 -5.75 14.21 2.26
CA ASP A 119 -5.84 15.23 1.22
C ASP A 119 -6.50 14.69 -0.05
N THR A 120 -6.18 13.46 -0.40
CA THR A 120 -6.75 12.82 -1.57
C THR A 120 -8.26 12.68 -1.41
N LEU A 121 -8.68 12.19 -0.25
CA LEU A 121 -10.09 11.96 -0.01
C LEU A 121 -10.84 13.30 -0.02
N ARG A 122 -10.28 14.30 0.64
CA ARG A 122 -10.85 15.64 0.61
C ARG A 122 -10.83 16.36 -0.74
N ALA A 123 -9.76 16.16 -1.52
CA ALA A 123 -9.74 16.66 -2.91
C ALA A 123 -10.87 16.03 -3.77
N LEU A 124 -11.10 14.74 -3.61
CA LEU A 124 -12.26 14.12 -4.25
C LEU A 124 -13.56 14.81 -3.86
N LEU A 125 -13.77 15.03 -2.56
CA LEU A 125 -15.02 15.63 -2.12
C LEU A 125 -15.20 17.08 -2.57
N ASP A 126 -14.14 17.90 -2.51
CA ASP A 126 -14.18 19.30 -2.98
C ASP A 126 -14.57 19.37 -4.43
N ASN A 127 -14.29 18.31 -5.18
CA ASN A 127 -14.65 18.27 -6.57
C ASN A 127 -15.88 17.39 -6.84
N ASN A 128 -16.66 17.13 -5.79
CA ASN A 128 -17.96 16.42 -5.87
C ASN A 128 -17.88 14.97 -6.33
N VAL A 129 -16.70 14.37 -6.21
CA VAL A 129 -16.54 12.97 -6.54
C VAL A 129 -16.76 12.16 -5.27
N VAL A 130 -17.45 11.02 -5.39
CA VAL A 130 -17.70 10.14 -4.26
C VAL A 130 -16.54 9.16 -4.15
N PRO A 131 -15.76 9.22 -3.05
CA PRO A 131 -14.76 8.19 -2.81
C PRO A 131 -15.41 6.85 -2.48
N VAL A 132 -14.93 5.81 -3.17
CA VAL A 132 -15.37 4.46 -2.94
C VAL A 132 -14.14 3.79 -2.37
N ILE A 133 -14.18 3.48 -1.08
CA ILE A 133 -13.01 3.03 -0.33
C ILE A 133 -13.10 1.55 0.02
N ASN A 134 -11.98 0.87 -0.08
CA ASN A 134 -11.92 -0.53 0.35
C ASN A 134 -10.50 -0.88 0.83
N GLU A 135 -10.42 -1.97 1.59
CA GLU A 135 -9.12 -2.49 1.91
C GLU A 135 -8.47 -3.04 0.63
N ASN A 136 -7.16 -2.86 0.49
CA ASN A 136 -6.41 -3.42 -0.64
C ASN A 136 -6.14 -4.93 -0.46
N ASP A 137 -7.17 -5.75 -0.68
CA ASP A 137 -7.08 -7.19 -0.43
C ASP A 137 -6.19 -7.93 -1.44
N ALA A 138 -6.12 -7.40 -2.66
CA ALA A 138 -5.27 -7.99 -3.68
C ALA A 138 -3.77 -7.86 -3.40
N VAL A 139 -3.38 -6.79 -2.70
CA VAL A 139 -1.98 -6.53 -2.40
C VAL A 139 -1.83 -6.11 -0.93
N ALA A 140 -1.63 -7.11 -0.06
CA ALA A 140 -1.49 -6.87 1.37
C ALA A 140 -1.29 -8.18 2.10
N THR A 141 -0.42 -8.17 3.12
CA THR A 141 -0.29 -9.26 4.05
C THR A 141 -1.29 -9.06 5.19
N ALA A 142 -1.70 -10.14 5.84
CA ALA A 142 -2.53 -10.07 7.06
C ALA A 142 -2.02 -9.03 8.06
N GLU A 143 -0.70 -8.98 8.21
CA GLU A 143 -0.07 -8.11 9.20
C GLU A 143 -0.38 -6.62 9.06
N ILE A 144 -0.75 -6.17 7.87
CA ILE A 144 -0.93 -4.75 7.61
C ILE A 144 -2.37 -4.32 7.36
N LYS A 145 -3.30 -5.28 7.31
CA LYS A 145 -4.69 -4.94 7.04
C LYS A 145 -5.39 -4.43 8.30
N VAL A 146 -6.36 -3.54 8.10
CA VAL A 146 -7.28 -3.19 9.15
C VAL A 146 -7.97 -4.48 9.58
N GLY A 147 -8.46 -5.26 8.60
CA GLY A 147 -8.99 -6.58 8.91
C GLY A 147 -10.51 -6.66 8.97
N ASP A 148 -11.17 -5.50 8.91
CA ASP A 148 -12.60 -5.49 8.79
C ASP A 148 -13.04 -4.09 8.41
N ASN A 149 -14.03 -4.03 7.53
CA ASN A 149 -14.49 -2.77 6.97
C ASN A 149 -15.30 -1.91 7.95
N ASP A 150 -15.72 -2.48 9.07
CA ASP A 150 -16.32 -1.65 10.11
C ASP A 150 -15.25 -0.69 10.61
N ASN A 151 -14.16 -1.25 11.16
CA ASN A 151 -13.03 -0.45 11.58
C ASN A 151 -12.46 0.42 10.47
N LEU A 152 -12.44 -0.12 9.26
CA LEU A 152 -11.92 0.67 8.15
C LEU A 152 -12.73 1.95 7.91
N SER A 153 -14.02 1.88 8.17
CA SER A 153 -14.87 3.02 7.85
C SER A 153 -14.74 4.10 8.93
N ALA A 154 -14.51 3.68 10.18
CA ALA A 154 -14.19 4.63 11.25
C ALA A 154 -12.95 5.46 10.87
N LEU A 155 -11.89 4.80 10.42
CA LEU A 155 -10.68 5.46 9.93
C LEU A 155 -10.97 6.37 8.73
N ALA A 156 -11.83 5.87 7.84
CA ALA A 156 -12.20 6.60 6.67
C ALA A 156 -12.94 7.87 7.06
N ALA A 157 -13.77 7.76 8.09
CA ALA A 157 -14.56 8.89 8.62
C ALA A 157 -13.62 9.93 9.18
N ILE A 158 -12.59 9.46 9.87
CA ILE A 158 -11.59 10.36 10.44
C ILE A 158 -10.88 11.06 9.29
N LEU A 159 -10.37 10.27 8.33
CA LEU A 159 -9.67 10.82 7.16
C LEU A 159 -10.51 11.85 6.43
N ALA A 160 -11.83 11.66 6.42
CA ALA A 160 -12.74 12.50 5.65
C ALA A 160 -13.21 13.74 6.40
N GLY A 161 -12.93 13.81 7.71
CA GLY A 161 -13.50 14.86 8.54
C GLY A 161 -15.00 14.74 8.55
N ALA A 162 -15.50 13.51 8.68
CA ALA A 162 -16.92 13.22 8.61
C ALA A 162 -17.65 13.78 9.83
N ASP A 163 -18.91 14.18 9.62
CA ASP A 163 -19.81 14.50 10.72
C ASP A 163 -20.54 13.27 11.20
N LYS A 164 -20.79 12.33 10.31
CA LYS A 164 -21.50 11.13 10.72
C LYS A 164 -20.88 9.92 10.08
N LEU A 165 -20.93 8.82 10.81
CA LEU A 165 -20.60 7.51 10.25
C LEU A 165 -21.85 6.63 10.35
N LEU A 166 -22.24 6.04 9.22
CA LEU A 166 -23.38 5.12 9.21
C LEU A 166 -22.95 3.70 8.83
N LEU A 167 -23.06 2.79 9.80
CA LEU A 167 -22.71 1.40 9.58
C LEU A 167 -23.99 0.67 9.23
N LEU A 168 -24.12 0.27 7.97
CA LEU A 168 -25.33 -0.44 7.57
C LEU A 168 -25.22 -1.94 7.86
N THR A 169 -26.33 -2.51 8.36
CA THR A 169 -26.41 -3.92 8.76
C THR A 169 -27.45 -4.71 7.94
N ASP A 170 -27.37 -6.04 8.01
CA ASP A 170 -28.37 -6.90 7.37
C ASP A 170 -29.53 -7.23 8.32
N GLN A 171 -29.69 -6.44 9.38
CA GLN A 171 -30.75 -6.63 10.38
C GLN A 171 -32.10 -6.11 9.89
N MET A 214 -21.23 -7.30 14.73
CA MET A 214 -21.76 -6.52 15.87
C MET A 214 -20.64 -5.97 16.80
N SER A 215 -19.76 -6.85 17.26
CA SER A 215 -18.58 -6.45 18.04
C SER A 215 -17.63 -5.54 17.25
N THR A 216 -17.28 -5.89 16.01
CA THR A 216 -16.48 -4.99 15.17
C THR A 216 -17.21 -3.66 14.89
N LYS A 217 -18.54 -3.70 14.89
CA LYS A 217 -19.35 -2.49 14.74
C LYS A 217 -19.25 -1.61 15.98
N LEU A 218 -19.25 -2.24 17.14
CA LEU A 218 -19.11 -1.49 18.38
C LEU A 218 -17.71 -0.90 18.50
N GLN A 219 -16.70 -1.66 18.07
CA GLN A 219 -15.32 -1.19 18.03
C GLN A 219 -15.17 0.05 17.14
N ALA A 220 -15.77 0.01 15.96
CA ALA A 220 -15.70 1.09 15.02
C ALA A 220 -16.43 2.35 15.54
N ALA A 221 -17.59 2.14 16.18
CA ALA A 221 -18.32 3.26 16.80
C ALA A 221 -17.51 3.92 17.90
N ASP A 222 -16.73 3.13 18.64
CA ASP A 222 -15.90 3.68 19.67
C ASP A 222 -14.82 4.59 19.06
N VAL A 223 -14.10 4.08 18.08
CA VAL A 223 -13.10 4.88 17.38
C VAL A 223 -13.69 6.18 16.81
N ALA A 224 -14.76 6.08 16.03
CA ALA A 224 -15.41 7.27 15.49
C ALA A 224 -15.88 8.22 16.61
N CYS A 225 -16.66 7.69 17.55
CA CYS A 225 -17.19 8.50 18.66
C CYS A 225 -16.11 9.28 19.41
N ARG A 226 -14.98 8.63 19.68
CA ARG A 226 -13.83 9.28 20.32
C ARG A 226 -13.27 10.41 19.46
N ALA A 227 -13.18 10.17 18.14
CA ALA A 227 -12.73 11.21 17.21
C ALA A 227 -13.78 12.32 16.99
N GLY A 228 -14.88 12.28 17.76
CA GLY A 228 -15.94 13.27 17.64
C GLY A 228 -16.93 13.05 16.49
N ILE A 229 -17.02 11.81 16.01
CA ILE A 229 -17.93 11.48 14.92
C ILE A 229 -19.10 10.63 15.43
N ASP A 230 -20.32 11.16 15.32
CA ASP A 230 -21.55 10.40 15.59
C ASP A 230 -21.61 9.12 14.76
N THR A 231 -21.86 7.99 15.41
CA THR A 231 -21.98 6.74 14.68
C THR A 231 -23.40 6.17 14.81
N ILE A 232 -23.98 5.79 13.68
CA ILE A 232 -25.29 5.16 13.66
C ILE A 232 -25.18 3.74 13.11
N ILE A 233 -25.67 2.76 13.86
CA ILE A 233 -25.84 1.40 13.37
C ILE A 233 -27.33 1.15 13.03
N ALA A 234 -27.61 0.83 11.77
CA ALA A 234 -28.99 0.68 11.31
C ALA A 234 -29.10 -0.29 10.12
N ALA A 235 -30.31 -0.82 9.92
CA ALA A 235 -30.60 -1.78 8.87
C ALA A 235 -30.57 -1.14 7.47
N GLY A 236 -29.74 -1.70 6.61
CA GLY A 236 -29.69 -1.29 5.20
C GLY A 236 -31.01 -1.45 4.43
N SER A 237 -31.88 -2.35 4.88
CA SER A 237 -33.16 -2.59 4.21
C SER A 237 -34.28 -1.62 4.67
N LYS A 238 -33.96 -0.72 5.58
CA LYS A 238 -34.95 0.24 6.08
C LYS A 238 -35.20 1.33 5.05
N PRO A 239 -36.46 1.48 4.61
CA PRO A 239 -36.76 2.54 3.65
C PRO A 239 -36.23 3.91 4.13
N GLY A 240 -35.48 4.59 3.27
CA GLY A 240 -34.99 5.95 3.53
C GLY A 240 -33.96 6.07 4.62
N VAL A 241 -33.32 4.96 5.01
CA VAL A 241 -32.40 4.96 6.14
C VAL A 241 -31.26 5.99 6.03
N ILE A 242 -30.63 6.10 4.86
CA ILE A 242 -29.50 7.01 4.69
C ILE A 242 -29.93 8.48 4.83
N GLY A 243 -31.00 8.84 4.13
CA GLY A 243 -31.56 10.17 4.18
C GLY A 243 -32.04 10.50 5.58
N ASP A 244 -32.64 9.51 6.25
CA ASP A 244 -33.13 9.71 7.62
C ASP A 244 -31.98 10.02 8.57
N VAL A 245 -30.91 9.23 8.50
CA VAL A 245 -29.74 9.45 9.35
C VAL A 245 -29.17 10.87 9.21
N MET A 246 -29.10 11.35 7.97
CA MET A 246 -28.61 12.70 7.72
C MET A 246 -29.48 13.75 8.41
N GLU A 247 -30.79 13.59 8.35
CA GLU A 247 -31.74 14.51 9.01
C GLU A 247 -31.85 14.34 10.53
N GLY A 248 -31.15 13.34 11.07
CA GLY A 248 -31.14 13.13 12.52
C GLY A 248 -32.37 12.41 13.04
N ILE A 249 -33.12 11.79 12.13
CA ILE A 249 -34.30 11.00 12.48
C ILE A 249 -33.85 9.70 13.11
N SER A 250 -34.44 9.32 14.23
CA SER A 250 -34.07 8.09 14.94
C SER A 250 -34.39 6.81 14.13
N VAL A 251 -33.33 6.11 13.76
CA VAL A 251 -33.40 4.89 13.00
C VAL A 251 -32.22 4.12 13.59
N GLY A 252 -32.39 2.82 13.84
CA GLY A 252 -31.34 2.04 14.50
C GLY A 252 -30.81 2.61 15.82
N THR A 253 -29.51 2.50 16.04
CA THR A 253 -28.92 2.95 17.30
C THR A 253 -27.90 4.04 17.03
N LEU A 254 -28.03 5.15 17.76
CA LEU A 254 -27.12 6.27 17.62
C LEU A 254 -26.10 6.26 18.77
N PHE A 255 -24.82 6.30 18.42
CA PHE A 255 -23.75 6.50 19.40
C PHE A 255 -23.22 7.91 19.26
N HIS A 256 -23.34 8.68 20.35
CA HIS A 256 -23.01 10.10 20.33
C HIS A 256 -21.51 10.33 20.27
N ALA A 257 -21.12 11.35 19.53
CA ALA A 257 -19.75 11.87 19.50
C ALA A 257 -19.32 12.22 20.92
N GLN A 258 -18.05 12.00 21.24
CA GLN A 258 -17.50 12.28 22.58
C GLN A 258 -17.62 13.77 22.84
N ALA A 259 -18.19 14.14 23.98
CA ALA A 259 -18.50 15.56 24.25
C ALA A 259 -17.30 16.45 23.97
N THR A 260 -16.11 15.98 24.37
CA THR A 260 -14.88 16.64 24.00
C THR A 260 -13.95 15.60 23.35
N PRO A 261 -13.83 15.65 22.01
CA PRO A 261 -13.20 14.61 21.20
C PRO A 261 -11.71 14.47 21.47
N LEU A 262 -11.15 13.30 21.17
CA LEU A 262 -9.72 13.13 21.06
C LEU A 262 -9.12 14.24 20.17
N GLU A 263 -8.03 14.85 20.63
CA GLU A 263 -7.35 15.93 19.91
C GLU A 263 -7.01 15.53 18.46
N ASN A 264 -7.31 16.42 17.52
CA ASN A 264 -7.19 16.08 16.09
C ASN A 264 -5.77 15.71 15.62
N ARG A 265 -4.79 16.43 16.14
CA ARG A 265 -3.39 16.20 15.85
C ARG A 265 -2.95 14.75 16.15
N LYS A 266 -3.70 14.02 16.97
CA LYS A 266 -3.33 12.64 17.22
C LYS A 266 -4.27 11.52 16.72
N ARG A 267 -5.32 11.90 15.99
CA ARG A 267 -6.30 10.92 15.52
C ARG A 267 -5.71 9.88 14.57
N TRP A 268 -4.63 10.26 13.88
CA TRP A 268 -4.02 9.37 12.90
C TRP A 268 -3.51 8.09 13.55
N ILE A 269 -3.21 8.16 14.84
CA ILE A 269 -2.69 7.01 15.55
C ILE A 269 -3.69 5.84 15.58
N PHE A 270 -4.98 6.11 15.46
CA PHE A 270 -5.95 5.02 15.38
C PHE A 270 -5.66 4.14 14.16
N GLY A 271 -4.91 4.68 13.20
CA GLY A 271 -4.73 4.03 11.92
C GLY A 271 -3.52 3.12 11.85
N ALA A 272 -2.45 3.51 12.52
CA ALA A 272 -1.17 2.84 12.38
C ALA A 272 -1.19 1.38 12.82
N PRO A 273 -0.40 0.53 12.14
CA PRO A 273 -0.18 -0.81 12.64
C PRO A 273 1.05 -0.78 13.59
N PRO A 274 0.86 -1.13 14.87
CA PRO A 274 2.02 -1.16 15.78
C PRO A 274 3.23 -1.85 15.16
N ALA A 275 4.40 -1.22 15.21
CA ALA A 275 5.61 -1.79 14.62
C ALA A 275 6.38 -2.71 15.60
N GLY A 276 5.90 -2.75 16.84
CA GLY A 276 6.49 -3.54 17.91
C GLY A 276 5.70 -3.32 19.18
N GLU A 277 6.17 -3.89 20.29
CA GLU A 277 5.50 -3.70 21.58
C GLU A 277 6.44 -3.58 22.75
N ILE A 278 5.92 -2.96 23.80
CA ILE A 278 6.59 -2.70 25.07
C ILE A 278 5.65 -3.28 26.13
N THR A 279 6.21 -3.99 27.09
CA THR A 279 5.47 -4.41 28.27
C THR A 279 5.90 -3.60 29.50
N VAL A 280 4.93 -3.34 30.35
CA VAL A 280 5.03 -2.21 31.24
C VAL A 280 4.63 -2.54 32.69
N ASP A 281 5.31 -1.89 33.64
CA ASP A 281 5.02 -1.90 35.11
C ASP A 281 3.56 -1.84 35.51
N GLU A 282 3.25 -2.33 36.70
CA GLU A 282 1.95 -2.07 37.32
C GLU A 282 1.80 -0.56 37.57
N GLY A 283 2.86 0.07 38.03
CA GLY A 283 2.93 1.51 38.19
C GLY A 283 2.68 2.25 36.88
N ALA A 284 3.41 1.90 35.83
CA ALA A 284 3.30 2.60 34.55
C ALA A 284 1.94 2.42 33.87
N THR A 285 1.36 1.22 33.98
CA THR A 285 -0.01 0.94 33.54
C THR A 285 -1.01 1.90 34.17
N ALA A 286 -0.90 2.09 35.48
CA ALA A 286 -1.79 2.97 36.24
C ALA A 286 -1.62 4.45 35.88
N ALA A 287 -0.38 4.89 35.67
CA ALA A 287 -0.09 6.27 35.29
C ALA A 287 -0.73 6.64 33.97
N ILE A 288 -0.67 5.67 33.05
CA ILE A 288 -1.20 5.80 31.70
C ILE A 288 -2.74 5.78 31.69
N LEU A 289 -3.32 4.71 32.21
CA LEU A 289 -4.76 4.50 32.18
C LEU A 289 -5.56 5.43 33.07
N GLU A 290 -5.08 5.68 34.29
CA GLU A 290 -5.84 6.40 35.31
C GLU A 290 -5.59 7.90 35.28
N ARG A 291 -4.35 8.28 34.99
CA ARG A 291 -3.94 9.69 35.06
C ARG A 291 -3.41 10.22 33.72
N GLY A 292 -3.61 9.47 32.65
CA GLY A 292 -3.14 9.86 31.32
C GLY A 292 -1.71 10.39 31.23
N SER A 293 -0.78 9.81 31.98
CA SER A 293 0.61 10.26 31.97
C SER A 293 1.43 9.65 30.83
N SER A 294 2.54 10.31 30.51
CA SER A 294 3.53 9.82 29.56
C SER A 294 4.16 8.54 30.07
N LEU A 295 4.93 7.86 29.21
CA LEU A 295 5.62 6.66 29.64
C LEU A 295 7.11 6.92 29.78
N LEU A 296 7.61 6.69 31.00
CA LEU A 296 9.02 6.79 31.34
C LEU A 296 9.69 5.41 31.28
N PRO A 297 10.93 5.35 30.77
CA PRO A 297 11.69 4.10 30.63
C PRO A 297 11.79 3.24 31.90
N LYS A 298 11.71 3.86 33.07
CA LYS A 298 11.71 3.17 34.37
C LYS A 298 10.69 2.01 34.45
N GLY A 299 9.50 2.22 33.87
CA GLY A 299 8.45 1.25 33.97
C GLY A 299 8.43 0.22 32.84
N ILE A 300 9.33 0.37 31.87
CA ILE A 300 9.42 -0.60 30.77
C ILE A 300 10.04 -1.90 31.27
N LYS A 301 9.34 -3.01 31.08
CA LYS A 301 9.85 -4.32 31.53
C LYS A 301 10.47 -5.14 30.39
N SER A 302 9.96 -4.99 29.17
CA SER A 302 10.46 -5.75 28.02
C SER A 302 10.14 -5.05 26.72
N VAL A 303 10.88 -5.39 25.67
CA VAL A 303 10.71 -4.79 24.37
C VAL A 303 10.67 -5.91 23.33
N THR A 304 9.64 -5.87 22.47
CA THR A 304 9.41 -6.91 21.46
C THR A 304 9.55 -6.36 20.07
N GLY A 305 10.49 -6.91 19.30
CA GLY A 305 10.65 -6.55 17.89
C GLY A 305 11.79 -5.58 17.57
N ASN A 306 11.85 -5.17 16.31
CA ASN A 306 12.84 -4.22 15.83
C ASN A 306 12.09 -3.02 15.33
N PHE A 307 12.30 -1.84 15.92
CA PHE A 307 11.66 -0.62 15.44
C PHE A 307 12.45 0.64 15.72
N SER A 308 12.07 1.70 15.03
CA SER A 308 12.79 2.97 15.09
C SER A 308 12.05 4.01 15.89
N ARG A 309 12.74 5.13 16.16
CA ARG A 309 12.10 6.27 16.77
C ARG A 309 11.19 6.88 15.73
N GLY A 310 9.97 7.25 16.15
CA GLY A 310 8.97 7.80 15.23
C GLY A 310 7.89 6.81 14.80
N GLU A 311 8.11 5.52 15.05
CA GLU A 311 7.13 4.50 14.74
C GLU A 311 6.16 4.31 15.89
N VAL A 312 4.90 4.08 15.56
CA VAL A 312 3.89 3.76 16.56
C VAL A 312 4.16 2.34 17.06
N ILE A 313 4.06 2.17 18.38
CA ILE A 313 4.15 0.84 19.01
C ILE A 313 2.97 0.62 19.95
N ARG A 314 2.77 -0.64 20.33
CA ARG A 314 1.75 -1.09 21.28
C ARG A 314 2.36 -1.19 22.67
N ILE A 315 1.59 -0.77 23.66
CA ILE A 315 2.01 -0.85 25.04
C ILE A 315 1.13 -1.88 25.73
N CYS A 316 1.77 -2.88 26.34
CA CYS A 316 1.04 -3.91 27.07
C CYS A 316 1.26 -3.83 28.58
N ASN A 317 0.23 -4.23 29.33
CA ASN A 317 0.38 -4.46 30.74
C ASN A 317 0.93 -5.88 30.95
N LEU A 318 1.31 -6.19 32.19
CA LEU A 318 1.93 -7.47 32.51
C LEU A 318 1.03 -8.67 32.25
N GLU A 319 -0.27 -8.42 32.27
CA GLU A 319 -1.28 -9.45 32.02
C GLU A 319 -1.44 -9.69 30.52
N GLY A 320 -0.75 -8.90 29.70
CA GLY A 320 -0.73 -9.09 28.25
C GLY A 320 -1.75 -8.33 27.40
N ARG A 321 -2.62 -7.53 28.03
CA ARG A 321 -3.64 -6.72 27.37
C ARG A 321 -3.04 -5.44 26.75
N ASP A 322 -3.54 -5.07 25.57
CA ASP A 322 -3.15 -3.82 24.87
C ASP A 322 -3.78 -2.60 25.55
N ILE A 323 -2.93 -1.72 26.10
CA ILE A 323 -3.46 -0.59 26.86
C ILE A 323 -3.30 0.80 26.20
N ALA A 324 -2.40 0.93 25.24
CA ALA A 324 -2.22 2.19 24.49
C ALA A 324 -1.39 1.91 23.26
N HIS A 325 -1.55 2.73 22.23
CA HIS A 325 -0.58 2.79 21.13
C HIS A 325 0.04 4.20 21.15
N GLY A 326 1.34 4.28 20.90
CA GLY A 326 1.96 5.58 20.91
C GLY A 326 3.26 5.59 20.15
N VAL A 327 3.66 6.80 19.73
CA VAL A 327 4.89 7.00 18.97
C VAL A 327 6.09 6.84 19.87
N SER A 328 7.01 5.96 19.47
CA SER A 328 8.24 5.75 20.25
C SER A 328 9.27 6.85 20.03
N ARG A 329 9.83 7.35 21.13
CA ARG A 329 10.85 8.40 21.10
C ARG A 329 12.27 7.84 20.91
N TYR A 330 12.40 6.53 21.06
CA TYR A 330 13.69 5.83 20.99
C TYR A 330 13.52 4.56 20.16
N ASN A 331 14.63 4.08 19.60
CA ASN A 331 14.66 2.79 18.93
C ASN A 331 14.55 1.62 19.93
N SER A 332 14.04 0.49 19.45
CA SER A 332 13.81 -0.69 20.29
C SER A 332 15.02 -1.19 21.07
N ASP A 333 16.19 -1.23 20.43
CA ASP A 333 17.43 -1.65 21.14
C ASP A 333 17.82 -0.67 22.25
N ALA A 334 17.64 0.62 21.97
CA ALA A 334 17.85 1.70 22.93
C ALA A 334 16.91 1.56 24.12
N LEU A 335 15.64 1.27 23.83
CA LEU A 335 14.66 0.97 24.88
C LEU A 335 15.06 -0.26 25.76
N ARG A 336 15.54 -1.34 25.14
CA ARG A 336 16.03 -2.52 25.91
C ARG A 336 17.16 -2.10 26.83
N ARG A 337 17.91 -1.10 26.40
CA ARG A 337 19.12 -0.68 27.06
C ARG A 337 18.80 0.27 28.21
N ILE A 338 17.70 1.02 28.10
CA ILE A 338 17.32 1.96 29.17
C ILE A 338 16.08 1.56 29.99
N ALA A 339 15.47 0.42 29.66
CA ALA A 339 14.36 -0.11 30.47
C ALA A 339 14.76 -0.20 31.95
N GLY A 340 13.86 0.21 32.84
CA GLY A 340 14.08 0.09 34.28
C GLY A 340 14.98 1.14 34.90
N HIS A 341 15.52 2.04 34.06
CA HIS A 341 16.44 3.08 34.49
C HIS A 341 15.77 4.47 34.56
N HIS A 342 16.40 5.39 35.30
CA HIS A 342 15.90 6.76 35.41
C HIS A 342 16.34 7.60 34.23
N SER A 343 15.52 8.59 33.89
CA SER A 343 15.73 9.48 32.75
C SER A 343 17.07 10.19 32.79
N GLN A 344 17.53 10.49 34.00
CA GLN A 344 18.84 11.09 34.26
C GLN A 344 19.98 10.26 33.67
N GLU A 345 19.78 8.95 33.58
CA GLU A 345 20.84 8.05 33.13
C GLU A 345 20.89 7.86 31.61
N ILE A 346 19.84 8.27 30.90
CA ILE A 346 19.70 7.97 29.47
C ILE A 346 20.94 8.37 28.68
N ASP A 347 21.32 9.65 28.78
CA ASP A 347 22.48 10.19 28.08
C ASP A 347 23.71 9.34 28.38
N ALA A 348 23.94 9.05 29.66
CA ALA A 348 25.10 8.24 30.06
C ALA A 348 25.06 6.79 29.56
N ILE A 349 23.88 6.21 29.43
CA ILE A 349 23.75 4.81 28.96
C ILE A 349 23.90 4.68 27.44
N LEU A 350 23.27 5.58 26.71
CA LEU A 350 23.13 5.47 25.25
C LEU A 350 24.21 6.27 24.48
N GLY A 351 24.73 7.31 25.11
CA GLY A 351 25.63 8.24 24.44
C GLY A 351 24.89 9.37 23.75
N TYR A 352 23.56 9.41 23.92
CA TYR A 352 22.72 10.50 23.41
C TYR A 352 21.39 10.47 24.19
N GLU A 353 20.48 11.39 23.86
CA GLU A 353 19.23 11.51 24.60
C GLU A 353 18.14 12.26 23.79
N TYR A 354 16.92 11.70 23.69
CA TYR A 354 15.74 12.43 23.14
C TYR A 354 14.67 12.69 24.20
N GLY A 355 15.06 13.31 25.31
CA GLY A 355 14.10 13.68 26.36
C GLY A 355 13.82 12.53 27.31
N PRO A 356 13.17 12.82 28.46
CA PRO A 356 13.10 11.89 29.60
C PRO A 356 12.06 10.73 29.47
N VAL A 357 11.39 10.67 28.33
CA VAL A 357 10.15 9.90 28.17
C VAL A 357 10.23 8.95 26.96
N ALA A 358 9.78 7.71 27.13
CA ALA A 358 9.81 6.75 26.03
C ALA A 358 8.67 6.98 25.02
N VAL A 359 7.50 7.33 25.55
CA VAL A 359 6.33 7.63 24.72
C VAL A 359 5.55 8.76 25.39
N HIS A 360 5.44 9.89 24.70
CA HIS A 360 4.78 11.08 25.26
C HIS A 360 3.26 10.95 25.23
N ARG A 361 2.61 11.38 26.31
CA ARG A 361 1.14 11.52 26.35
C ARG A 361 0.56 12.13 25.08
N ASP A 362 1.27 13.09 24.49
CA ASP A 362 0.82 13.78 23.25
C ASP A 362 0.80 12.91 21.97
N ASP A 363 1.60 11.84 21.95
CA ASP A 363 1.66 10.94 20.80
C ASP A 363 1.14 9.56 21.21
N MET A 364 0.11 9.54 22.07
CA MET A 364 -0.43 8.30 22.62
C MET A 364 -1.96 8.29 22.63
N ILE A 365 -2.54 7.18 22.18
CA ILE A 365 -3.96 6.92 22.38
C ILE A 365 -4.07 5.69 23.27
N THR A 366 -4.77 5.84 24.39
CA THR A 366 -4.99 4.73 25.31
C THR A 366 -6.22 3.95 24.91
N ARG A 367 -6.36 2.74 25.45
CA ARG A 367 -7.68 2.17 25.80
C ARG A 367 -7.59 0.76 26.45
N ASP B 3 7.20 -25.54 -23.30
CA ASP B 3 6.65 -24.63 -24.37
C ASP B 3 5.94 -23.41 -23.79
N SER B 4 5.05 -23.62 -22.82
CA SER B 4 4.35 -22.54 -22.13
C SER B 4 5.29 -21.49 -21.49
N GLN B 5 5.00 -20.20 -21.70
CA GLN B 5 5.85 -19.10 -21.22
C GLN B 5 5.07 -17.99 -20.53
N THR B 6 5.77 -17.23 -19.67
CA THR B 6 5.21 -16.08 -18.96
C THR B 6 5.85 -14.78 -19.50
N LEU B 7 5.00 -13.88 -20.02
CA LEU B 7 5.40 -12.63 -20.65
C LEU B 7 4.75 -11.43 -19.98
N VAL B 8 5.54 -10.45 -19.57
CA VAL B 8 4.99 -9.17 -19.09
C VAL B 8 5.00 -8.15 -20.23
N VAL B 9 3.84 -7.57 -20.54
CA VAL B 9 3.76 -6.49 -21.52
C VAL B 9 3.47 -5.16 -20.78
N LYS B 10 4.38 -4.18 -20.94
CA LYS B 10 4.25 -2.87 -20.30
C LYS B 10 3.76 -1.86 -21.33
N LEU B 11 2.67 -1.18 -21.01
CA LEU B 11 2.15 -0.18 -21.93
C LEU B 11 2.10 1.14 -21.21
N GLY B 12 2.93 2.09 -21.65
CA GLY B 12 2.94 3.42 -21.07
C GLY B 12 1.89 4.31 -21.71
N THR B 13 1.79 5.53 -21.21
CA THR B 13 0.68 6.41 -21.54
C THR B 13 0.57 6.75 -23.04
N SER B 14 1.68 7.10 -23.68
CA SER B 14 1.62 7.45 -25.10
C SER B 14 1.34 6.25 -26.00
N VAL B 15 1.65 5.05 -25.51
CA VAL B 15 1.24 3.85 -26.23
C VAL B 15 -0.28 3.73 -26.14
N LEU B 16 -0.83 3.96 -24.95
CA LEU B 16 -2.25 3.80 -24.67
C LEU B 16 -3.11 4.90 -25.32
N THR B 17 -2.52 6.07 -25.51
CA THR B 17 -3.28 7.21 -26.04
C THR B 17 -3.00 7.40 -27.52
N GLY B 18 -2.03 6.64 -28.04
CA GLY B 18 -1.56 6.87 -29.40
C GLY B 18 -1.01 8.27 -29.58
N GLY B 19 -0.55 8.88 -28.49
CA GLY B 19 0.06 10.20 -28.55
C GLY B 19 -0.93 11.35 -28.48
N SER B 20 -2.19 11.04 -28.19
CA SER B 20 -3.22 12.05 -27.99
C SER B 20 -3.47 12.18 -26.48
N ARG B 21 -4.43 13.01 -26.11
CA ARG B 21 -4.76 13.18 -24.71
C ARG B 21 -5.88 12.22 -24.25
N ARG B 22 -6.28 11.28 -25.12
CA ARG B 22 -7.31 10.29 -24.76
C ARG B 22 -6.87 8.87 -25.02
N LEU B 23 -7.20 7.97 -24.10
CA LEU B 23 -7.03 6.53 -24.31
C LEU B 23 -7.66 6.13 -25.66
N ASN B 24 -6.89 5.40 -26.46
CA ASN B 24 -7.34 4.97 -27.78
C ASN B 24 -7.70 3.49 -27.77
N ARG B 25 -8.99 3.20 -27.71
CA ARG B 25 -9.43 1.81 -27.57
C ARG B 25 -9.15 0.98 -28.81
N ALA B 26 -9.11 1.62 -29.98
CA ALA B 26 -8.73 0.93 -31.21
C ALA B 26 -7.31 0.35 -31.06
N HIS B 27 -6.37 1.16 -30.60
CA HIS B 27 -4.99 0.72 -30.48
C HIS B 27 -4.91 -0.36 -29.40
N ILE B 28 -5.61 -0.15 -28.28
CA ILE B 28 -5.51 -1.07 -27.14
C ILE B 28 -6.13 -2.44 -27.44
N VAL B 29 -7.31 -2.46 -28.07
CA VAL B 29 -7.95 -3.72 -28.42
C VAL B 29 -7.08 -4.56 -29.35
N GLU B 30 -6.33 -3.90 -30.24
CA GLU B 30 -5.40 -4.61 -31.11
C GLU B 30 -4.25 -5.28 -30.32
N LEU B 31 -3.80 -4.64 -29.23
CA LEU B 31 -2.78 -5.24 -28.37
C LEU B 31 -3.36 -6.34 -27.47
N VAL B 32 -4.61 -6.14 -27.05
CA VAL B 32 -5.33 -7.17 -26.32
C VAL B 32 -5.52 -8.44 -27.18
N ARG B 33 -5.93 -8.24 -28.43
CA ARG B 33 -6.14 -9.34 -29.36
C ARG B 33 -4.87 -10.22 -29.42
N GLN B 34 -3.73 -9.56 -29.56
CA GLN B 34 -2.44 -10.25 -29.62
C GLN B 34 -2.15 -11.04 -28.31
N CYS B 35 -2.41 -10.42 -27.16
CA CYS B 35 -2.26 -11.12 -25.88
C CYS B 35 -3.21 -12.31 -25.76
N ALA B 36 -4.46 -12.13 -26.19
CA ALA B 36 -5.50 -13.18 -26.15
C ALA B 36 -5.08 -14.42 -26.92
N GLN B 37 -4.48 -14.17 -28.08
CA GLN B 37 -4.00 -15.20 -28.99
C GLN B 37 -2.97 -16.07 -28.27
N LEU B 38 -2.05 -15.43 -27.53
CA LEU B 38 -1.03 -16.13 -26.75
C LEU B 38 -1.62 -16.85 -25.53
N HIS B 39 -2.57 -16.19 -24.88
CA HIS B 39 -3.32 -16.79 -23.80
C HIS B 39 -4.03 -18.06 -24.27
N ALA B 40 -4.77 -17.97 -25.37
CA ALA B 40 -5.52 -19.11 -25.86
C ALA B 40 -4.58 -20.26 -26.18
N ALA B 41 -3.34 -19.94 -26.50
CA ALA B 41 -2.35 -20.96 -26.85
C ALA B 41 -1.67 -21.59 -25.64
N GLY B 42 -2.04 -21.17 -24.43
CA GLY B 42 -1.50 -21.74 -23.19
C GLY B 42 -0.46 -20.90 -22.48
N HIS B 43 -0.14 -19.73 -23.03
CA HIS B 43 0.82 -18.80 -22.41
C HIS B 43 0.22 -17.92 -21.32
N ARG B 44 1.08 -17.45 -20.41
CA ARG B 44 0.65 -16.62 -19.31
C ARG B 44 1.01 -15.16 -19.59
N ILE B 45 0.02 -14.29 -19.48
CA ILE B 45 0.17 -12.89 -19.82
C ILE B 45 -0.04 -11.99 -18.60
N VAL B 46 0.90 -11.07 -18.40
CA VAL B 46 0.77 -10.06 -17.36
C VAL B 46 0.80 -8.68 -18.01
N ILE B 47 -0.15 -7.83 -17.63
CA ILE B 47 -0.21 -6.47 -18.15
C ILE B 47 0.23 -5.50 -17.05
N VAL B 48 1.16 -4.63 -17.40
CA VAL B 48 1.46 -3.47 -16.59
C VAL B 48 0.99 -2.21 -17.35
N THR B 49 0.03 -1.50 -16.78
CA THR B 49 -0.62 -0.41 -17.51
C THR B 49 -0.41 0.94 -16.89
N SER B 50 -0.17 1.95 -17.72
CA SER B 50 -0.25 3.34 -17.29
C SER B 50 -1.68 3.86 -17.56
N GLY B 51 -1.84 5.17 -17.74
CA GLY B 51 -3.11 5.75 -18.18
C GLY B 51 -4.17 6.19 -17.17
N ALA B 52 -3.99 5.88 -15.88
CA ALA B 52 -4.95 6.26 -14.83
C ALA B 52 -5.29 7.76 -14.83
N ILE B 53 -4.27 8.61 -14.81
CA ILE B 53 -4.45 10.06 -14.84
C ILE B 53 -5.06 10.54 -16.15
N ALA B 54 -4.55 10.04 -17.28
CA ALA B 54 -5.15 10.42 -18.57
C ALA B 54 -6.62 10.02 -18.62
N ALA B 55 -6.94 8.78 -18.21
CA ALA B 55 -8.33 8.31 -18.11
C ALA B 55 -9.20 9.21 -17.23
N GLY B 56 -8.64 9.64 -16.10
CA GLY B 56 -9.37 10.51 -15.17
C GLY B 56 -9.63 11.90 -15.69
N ARG B 57 -8.57 12.56 -16.16
CA ARG B 57 -8.66 13.86 -16.86
C ARG B 57 -9.79 13.83 -17.90
N GLU B 58 -9.78 12.83 -18.78
CA GLU B 58 -10.85 12.64 -19.78
C GLU B 58 -12.26 12.51 -19.18
N HIS B 59 -12.44 11.59 -18.24
CA HIS B 59 -13.74 11.32 -17.63
C HIS B 59 -14.34 12.51 -16.85
N LEU B 60 -13.48 13.36 -16.29
CA LEU B 60 -13.96 14.52 -15.51
C LEU B 60 -14.13 15.79 -16.36
N GLY B 61 -13.83 15.67 -17.65
CA GLY B 61 -13.92 16.80 -18.58
C GLY B 61 -12.83 17.83 -18.42
N TYR B 62 -11.58 17.36 -18.23
CA TYR B 62 -10.38 18.24 -18.19
C TYR B 62 -10.58 19.48 -17.29
N PRO B 63 -10.75 19.26 -15.97
CA PRO B 63 -11.11 20.37 -15.08
C PRO B 63 -9.88 21.14 -14.57
N GLU B 64 -10.07 22.42 -14.25
CA GLU B 64 -9.04 23.24 -13.61
C GLU B 64 -8.77 22.72 -12.21
N LEU B 65 -7.51 22.40 -11.91
CA LEU B 65 -7.14 21.81 -10.61
C LEU B 65 -5.89 22.45 -10.03
N PRO B 66 -5.83 22.57 -8.69
CA PRO B 66 -4.61 23.07 -8.06
C PRO B 66 -3.43 22.21 -8.48
N ALA B 67 -2.31 22.86 -8.81
CA ALA B 67 -1.11 22.17 -9.21
C ALA B 67 -0.50 21.46 -7.98
N THR B 68 -1.18 20.41 -7.51
CA THR B 68 -0.76 19.70 -6.30
C THR B 68 -0.81 18.20 -6.47
N ILE B 69 -0.16 17.48 -5.56
CA ILE B 69 -0.18 16.04 -5.58
C ILE B 69 -1.60 15.49 -5.31
N ALA B 70 -2.37 16.21 -4.48
CA ALA B 70 -3.75 15.82 -4.23
C ALA B 70 -4.53 15.73 -5.55
N SER B 71 -4.27 16.70 -6.44
CA SER B 71 -4.91 16.75 -7.75
C SER B 71 -4.63 15.49 -8.56
N LYS B 72 -3.36 15.13 -8.67
CA LYS B 72 -2.95 13.92 -9.39
C LYS B 72 -3.57 12.68 -8.76
N GLN B 73 -3.60 12.63 -7.45
CA GLN B 73 -4.15 11.45 -6.78
C GLN B 73 -5.67 11.34 -6.96
N LEU B 74 -6.36 12.48 -6.95
CA LEU B 74 -7.81 12.49 -7.20
C LEU B 74 -8.10 12.02 -8.62
N LEU B 75 -7.32 12.51 -9.59
CA LEU B 75 -7.45 12.05 -10.97
C LEU B 75 -7.16 10.55 -11.11
N ALA B 76 -6.11 10.06 -10.44
CA ALA B 76 -5.81 8.62 -10.49
C ALA B 76 -6.91 7.75 -9.86
N ALA B 77 -7.52 8.23 -8.78
CA ALA B 77 -8.62 7.52 -8.12
C ALA B 77 -9.77 7.34 -9.10
N VAL B 78 -10.10 8.40 -9.83
CA VAL B 78 -11.17 8.35 -10.83
C VAL B 78 -10.75 7.57 -12.08
N GLY B 79 -9.55 7.90 -12.61
CA GLY B 79 -9.02 7.24 -13.79
C GLY B 79 -8.77 5.75 -13.65
N GLN B 80 -8.26 5.34 -12.49
CA GLN B 80 -7.96 3.93 -12.29
C GLN B 80 -9.24 3.09 -12.31
N SER B 81 -10.33 3.65 -11.80
CA SER B 81 -11.66 3.02 -11.94
C SER B 81 -11.99 2.78 -13.44
N ARG B 82 -11.85 3.81 -14.24
CA ARG B 82 -12.11 3.72 -15.67
C ARG B 82 -11.12 2.83 -16.40
N LEU B 83 -9.86 2.87 -15.98
CA LEU B 83 -8.82 2.13 -16.66
C LEU B 83 -9.04 0.62 -16.53
N ILE B 84 -9.23 0.15 -15.30
CA ILE B 84 -9.45 -1.28 -15.08
C ILE B 84 -10.71 -1.78 -15.80
N GLN B 85 -11.77 -0.98 -15.82
CA GLN B 85 -12.97 -1.26 -16.63
C GLN B 85 -12.65 -1.53 -18.11
N LEU B 86 -11.79 -0.67 -18.67
CA LEU B 86 -11.44 -0.72 -20.08
C LEU B 86 -10.72 -2.02 -20.40
N TRP B 87 -9.73 -2.35 -19.59
CA TRP B 87 -9.02 -3.62 -19.70
C TRP B 87 -9.96 -4.81 -19.51
N GLU B 88 -10.86 -4.73 -18.52
CA GLU B 88 -11.81 -5.80 -18.27
C GLU B 88 -12.66 -6.04 -19.51
N GLN B 89 -13.23 -4.96 -20.04
CA GLN B 89 -14.19 -5.03 -21.14
C GLN B 89 -13.53 -5.54 -22.40
N LEU B 90 -12.34 -5.02 -22.67
CA LEU B 90 -11.62 -5.41 -23.86
C LEU B 90 -11.16 -6.87 -23.83
N PHE B 91 -10.60 -7.32 -22.71
CA PHE B 91 -10.24 -8.73 -22.58
C PHE B 91 -11.46 -9.61 -22.61
N SER B 92 -12.60 -9.11 -22.15
CA SER B 92 -13.77 -9.97 -22.15
C SER B 92 -14.28 -10.31 -23.58
N ILE B 93 -14.02 -9.44 -24.55
CA ILE B 93 -14.23 -9.75 -25.96
C ILE B 93 -13.67 -11.15 -26.30
N TYR B 94 -12.56 -11.52 -25.68
CA TYR B 94 -11.84 -12.74 -26.00
C TYR B 94 -12.07 -13.83 -24.93
N GLY B 95 -13.04 -13.59 -24.03
CA GLY B 95 -13.39 -14.52 -22.96
C GLY B 95 -12.34 -14.63 -21.85
N ILE B 96 -11.55 -13.58 -21.67
CA ILE B 96 -10.50 -13.58 -20.68
C ILE B 96 -10.85 -12.61 -19.54
N HIS B 97 -10.65 -13.10 -18.32
CA HIS B 97 -10.89 -12.32 -17.10
C HIS B 97 -9.60 -11.61 -16.70
N VAL B 98 -9.76 -10.47 -16.03
CA VAL B 98 -8.61 -9.70 -15.54
C VAL B 98 -8.74 -9.51 -14.04
N GLY B 99 -7.62 -9.16 -13.40
CA GLY B 99 -7.57 -8.94 -11.97
C GLY B 99 -6.71 -7.71 -11.72
N GLN B 100 -7.21 -6.78 -10.91
CA GLN B 100 -6.49 -5.55 -10.58
C GLN B 100 -5.50 -5.75 -9.45
N MET B 101 -4.26 -5.32 -9.68
CA MET B 101 -3.26 -5.18 -8.61
C MET B 101 -2.63 -3.78 -8.64
N LEU B 102 -2.68 -3.10 -7.49
CA LEU B 102 -2.09 -1.78 -7.35
C LEU B 102 -1.10 -1.85 -6.21
N LEU B 103 0.12 -1.44 -6.50
CA LEU B 103 1.19 -1.56 -5.52
C LEU B 103 2.20 -0.40 -5.56
N THR B 104 3.05 -0.33 -4.55
CA THR B 104 4.15 0.62 -4.53
C THR B 104 5.36 -0.12 -3.99
N ARG B 105 6.44 0.62 -3.74
CA ARG B 105 7.64 0.03 -3.19
C ARG B 105 7.40 -0.51 -1.77
N ALA B 106 6.43 0.09 -1.07
CA ALA B 106 6.06 -0.32 0.29
C ALA B 106 5.69 -1.80 0.33
N ASP B 107 5.00 -2.26 -0.71
CA ASP B 107 4.56 -3.64 -0.83
C ASP B 107 5.71 -4.60 -1.15
N MET B 108 6.91 -4.04 -1.23
CA MET B 108 8.12 -4.83 -1.43
C MET B 108 9.23 -4.43 -0.43
N GLU B 109 8.85 -3.80 0.68
CA GLU B 109 9.85 -3.40 1.70
C GLU B 109 10.33 -4.58 2.55
N ASP B 110 9.72 -5.75 2.34
CA ASP B 110 9.90 -6.96 3.12
C ASP B 110 10.11 -8.07 2.13
N ARG B 111 10.76 -9.15 2.52
CA ARG B 111 10.61 -10.38 1.77
C ARG B 111 9.14 -10.85 1.85
N GLU B 112 8.55 -10.76 3.03
CA GLU B 112 7.19 -11.25 3.25
C GLU B 112 6.11 -10.56 2.38
N ARG B 113 6.12 -9.22 2.32
CA ARG B 113 5.15 -8.52 1.45
C ARG B 113 5.43 -8.74 -0.04
N PHE B 114 6.69 -8.95 -0.38
CA PHE B 114 7.07 -9.28 -1.73
C PHE B 114 6.52 -10.67 -2.08
N LEU B 115 6.81 -11.67 -1.26
CA LEU B 115 6.23 -13.01 -1.46
C LEU B 115 4.70 -12.98 -1.58
N ASN B 116 4.05 -12.15 -0.77
CA ASN B 116 2.60 -12.00 -0.80
C ASN B 116 2.10 -11.51 -2.16
N ALA B 117 2.77 -10.51 -2.72
CA ALA B 117 2.37 -9.99 -4.02
C ALA B 117 2.62 -11.04 -5.10
N ARG B 118 3.78 -11.72 -5.01
CA ARG B 118 4.14 -12.81 -5.92
C ARG B 118 3.08 -13.90 -5.95
N ASP B 119 2.59 -14.27 -4.77
CA ASP B 119 1.58 -15.31 -4.65
C ASP B 119 0.27 -14.94 -5.31
N THR B 120 -0.18 -13.71 -5.08
CA THR B 120 -1.43 -13.24 -5.66
C THR B 120 -1.34 -13.37 -7.18
N LEU B 121 -0.28 -12.78 -7.72
CA LEU B 121 -0.01 -12.77 -9.15
C LEU B 121 0.09 -14.20 -9.78
N ARG B 122 0.83 -15.12 -9.14
CA ARG B 122 0.90 -16.48 -9.66
C ARG B 122 -0.43 -17.22 -9.54
N ALA B 123 -1.19 -16.91 -8.50
CA ALA B 123 -2.53 -17.50 -8.33
C ALA B 123 -3.47 -17.06 -9.46
N LEU B 124 -3.30 -15.82 -9.91
CA LEU B 124 -4.08 -15.27 -10.99
C LEU B 124 -3.73 -16.01 -12.30
N LEU B 125 -2.45 -16.01 -12.64
CA LEU B 125 -1.97 -16.73 -13.82
C LEU B 125 -2.36 -18.20 -13.81
N ASP B 126 -2.18 -18.89 -12.68
CA ASP B 126 -2.56 -20.32 -12.52
C ASP B 126 -4.02 -20.64 -12.81
N ASN B 127 -4.89 -19.64 -12.69
CA ASN B 127 -6.32 -19.77 -12.92
C ASN B 127 -6.74 -18.99 -14.14
N ASN B 128 -5.77 -18.73 -15.01
CA ASN B 128 -6.02 -18.20 -16.33
C ASN B 128 -6.56 -16.79 -16.37
N VAL B 129 -6.38 -16.07 -15.26
CA VAL B 129 -6.72 -14.66 -15.18
C VAL B 129 -5.47 -13.81 -15.51
N VAL B 130 -5.66 -12.75 -16.29
CA VAL B 130 -4.59 -11.79 -16.60
C VAL B 130 -4.50 -10.68 -15.54
N PRO B 131 -3.38 -10.59 -14.81
CA PRO B 131 -3.23 -9.47 -13.87
C PRO B 131 -3.01 -8.16 -14.63
N VAL B 132 -3.65 -7.10 -14.16
CA VAL B 132 -3.52 -5.79 -14.76
C VAL B 132 -2.96 -4.95 -13.64
N ILE B 133 -1.67 -4.63 -13.79
CA ILE B 133 -0.87 -4.02 -12.73
C ILE B 133 -0.56 -2.56 -13.03
N ASN B 134 -0.61 -1.75 -11.98
CA ASN B 134 -0.27 -0.35 -12.03
C ASN B 134 0.20 0.10 -10.65
N GLU B 135 0.85 1.26 -10.58
CA GLU B 135 1.25 1.85 -9.31
C GLU B 135 -0.04 2.27 -8.63
N ASN B 136 -0.08 2.19 -7.29
CA ASN B 136 -1.26 2.68 -6.57
C ASN B 136 -1.19 4.19 -6.41
N ASP B 137 -1.48 4.91 -7.48
CA ASP B 137 -1.37 6.37 -7.51
C ASP B 137 -2.35 7.12 -6.60
N ALA B 138 -3.56 6.61 -6.45
CA ALA B 138 -4.55 7.27 -5.62
C ALA B 138 -4.15 7.29 -4.15
N VAL B 139 -3.43 6.25 -3.72
CA VAL B 139 -3.05 6.07 -2.32
C VAL B 139 -1.55 5.81 -2.19
N ALA B 140 -0.76 6.88 -2.15
CA ALA B 140 0.70 6.79 -2.05
C ALA B 140 1.34 8.16 -1.88
N THR B 141 2.40 8.23 -1.08
CA THR B 141 3.25 9.44 -1.03
C THR B 141 4.33 9.26 -2.10
N ALA B 142 4.92 10.35 -2.57
CA ALA B 142 5.97 10.26 -3.59
C ALA B 142 7.08 9.33 -3.09
N GLU B 143 7.35 9.40 -1.78
CA GLU B 143 8.41 8.61 -1.13
C GLU B 143 8.32 7.07 -1.35
N ILE B 144 7.12 6.50 -1.38
CA ILE B 144 7.00 5.04 -1.48
C ILE B 144 6.82 4.52 -2.91
N LYS B 145 6.71 5.42 -3.88
CA LYS B 145 6.39 5.05 -5.27
C LYS B 145 7.60 4.53 -6.04
N VAL B 146 7.37 3.63 -6.99
CA VAL B 146 8.40 3.27 -7.95
C VAL B 146 8.73 4.51 -8.84
N GLY B 147 7.69 5.25 -9.23
CA GLY B 147 7.91 6.52 -9.88
C GLY B 147 7.90 6.47 -11.39
N ASP B 148 8.03 5.28 -11.98
CA ASP B 148 7.85 5.11 -13.42
C ASP B 148 7.45 3.68 -13.70
N ASN B 149 6.60 3.48 -14.70
CA ASN B 149 6.12 2.15 -14.99
C ASN B 149 7.09 1.19 -15.69
N ASP B 150 8.16 1.72 -16.27
CA ASP B 150 9.20 0.89 -16.87
C ASP B 150 9.82 0.02 -15.78
N ASN B 151 10.39 0.68 -14.78
CA ASN B 151 10.88 0.00 -13.57
C ASN B 151 9.84 -0.88 -12.88
N LEU B 152 8.62 -0.40 -12.75
CA LEU B 152 7.57 -1.22 -12.16
C LEU B 152 7.37 -2.56 -12.90
N SER B 153 7.36 -2.51 -14.23
CA SER B 153 7.15 -3.72 -15.02
C SER B 153 8.28 -4.74 -14.82
N ALA B 154 9.51 -4.26 -14.67
CA ALA B 154 10.62 -5.16 -14.31
C ALA B 154 10.34 -5.87 -12.97
N LEU B 155 9.91 -5.10 -11.95
CA LEU B 155 9.56 -5.68 -10.67
C LEU B 155 8.43 -6.72 -10.82
N ALA B 156 7.46 -6.41 -11.68
CA ALA B 156 6.31 -7.29 -11.93
C ALA B 156 6.77 -8.54 -12.63
N ALA B 157 7.72 -8.40 -13.54
CA ALA B 157 8.37 -9.53 -14.21
C ALA B 157 9.03 -10.45 -13.21
N ILE B 158 9.67 -9.87 -12.20
CA ILE B 158 10.31 -10.66 -11.16
C ILE B 158 9.24 -11.36 -10.34
N LEU B 159 8.22 -10.60 -9.91
CA LEU B 159 7.09 -11.17 -9.17
C LEU B 159 6.43 -12.35 -9.90
N ALA B 160 6.31 -12.25 -11.22
CA ALA B 160 5.56 -13.22 -12.03
C ALA B 160 6.41 -14.42 -12.44
N GLY B 161 7.70 -14.37 -12.13
CA GLY B 161 8.62 -15.40 -12.62
C GLY B 161 8.58 -15.45 -14.14
N ALA B 162 8.66 -14.28 -14.76
CA ALA B 162 8.52 -14.13 -16.20
C ALA B 162 9.73 -14.63 -16.97
N ASP B 163 9.50 -15.09 -18.20
CA ASP B 163 10.57 -15.47 -19.09
C ASP B 163 10.97 -14.28 -19.90
N LYS B 164 10.00 -13.43 -20.22
CA LYS B 164 10.27 -12.23 -21.04
C LYS B 164 9.58 -11.00 -20.50
N LEU B 165 10.19 -9.85 -20.77
CA LEU B 165 9.59 -8.54 -20.49
C LEU B 165 9.57 -7.75 -21.77
N LEU B 166 8.39 -7.27 -22.14
CA LEU B 166 8.22 -6.49 -23.34
C LEU B 166 7.86 -5.04 -23.00
N LEU B 167 8.76 -4.12 -23.33
CA LEU B 167 8.51 -2.70 -23.09
C LEU B 167 8.10 -2.04 -24.39
N LEU B 168 6.81 -1.73 -24.50
CA LEU B 168 6.30 -1.13 -25.71
C LEU B 168 6.58 0.36 -25.73
N THR B 169 6.93 0.87 -26.90
CA THR B 169 7.25 2.27 -27.11
C THR B 169 6.31 2.89 -28.13
N ASP B 170 6.19 4.21 -28.13
CA ASP B 170 5.34 4.95 -29.07
C ASP B 170 6.03 5.21 -30.40
N GLN B 171 7.28 4.75 -30.54
CA GLN B 171 8.12 5.08 -31.71
C GLN B 171 7.58 4.60 -33.09
N GLY B 212 15.59 10.08 -22.02
CA GLY B 212 14.88 10.19 -20.76
C GLY B 212 13.83 9.10 -20.65
N GLY B 213 13.02 8.97 -21.72
CA GLY B 213 12.04 7.87 -21.88
C GLY B 213 12.77 6.56 -22.14
N MET B 214 13.79 6.66 -23.01
CA MET B 214 14.81 5.61 -23.20
C MET B 214 15.53 5.21 -21.87
N SER B 215 15.88 6.20 -21.03
CA SER B 215 16.66 5.94 -19.80
C SER B 215 15.99 5.00 -18.79
N THR B 216 14.71 5.24 -18.46
CA THR B 216 14.02 4.38 -17.50
C THR B 216 13.87 3.00 -18.10
N LYS B 217 13.75 2.94 -19.42
CA LYS B 217 13.63 1.68 -20.13
C LYS B 217 14.90 0.85 -20.04
N LEU B 218 16.05 1.52 -20.12
CA LEU B 218 17.34 0.85 -19.99
C LEU B 218 17.56 0.34 -18.58
N GLN B 219 17.07 1.09 -17.59
CA GLN B 219 17.20 0.69 -16.18
C GLN B 219 16.36 -0.54 -15.92
N ALA B 220 15.16 -0.53 -16.49
CA ALA B 220 14.22 -1.62 -16.37
C ALA B 220 14.84 -2.87 -17.02
N ALA B 221 15.46 -2.69 -18.19
CA ALA B 221 16.05 -3.81 -18.90
C ALA B 221 17.14 -4.42 -18.06
N ASP B 222 17.85 -3.56 -17.33
CA ASP B 222 18.97 -3.97 -16.48
C ASP B 222 18.51 -4.72 -15.24
N VAL B 223 17.53 -4.16 -14.53
CA VAL B 223 16.93 -4.84 -13.37
C VAL B 223 16.42 -6.21 -13.79
N ALA B 224 15.66 -6.27 -14.88
CA ALA B 224 15.07 -7.51 -15.37
C ALA B 224 16.11 -8.56 -15.81
N CYS B 225 17.08 -8.14 -16.63
CA CYS B 225 18.10 -9.06 -17.11
C CYS B 225 18.93 -9.66 -15.99
N ARG B 226 19.25 -8.87 -14.97
CA ARG B 226 20.01 -9.39 -13.85
C ARG B 226 19.21 -10.45 -13.09
N ALA B 227 17.89 -10.28 -13.08
CA ALA B 227 17.00 -11.28 -12.46
C ALA B 227 16.72 -12.47 -13.40
N GLY B 228 17.39 -12.48 -14.54
CA GLY B 228 17.36 -13.64 -15.43
C GLY B 228 16.23 -13.60 -16.44
N ILE B 229 15.67 -12.41 -16.66
CA ILE B 229 14.56 -12.18 -17.58
C ILE B 229 15.00 -11.43 -18.87
N ASP B 230 14.80 -12.04 -20.05
CA ASP B 230 15.00 -11.35 -21.34
C ASP B 230 14.13 -10.12 -21.48
N THR B 231 14.71 -9.03 -21.99
CA THR B 231 13.94 -7.78 -22.15
C THR B 231 13.98 -7.29 -23.59
N ILE B 232 12.81 -6.93 -24.11
CA ILE B 232 12.70 -6.41 -25.47
C ILE B 232 12.01 -5.04 -25.42
N ILE B 233 12.64 -4.05 -26.06
CA ILE B 233 12.02 -2.74 -26.30
C ILE B 233 11.61 -2.69 -27.78
N ALA B 234 10.32 -2.46 -28.02
CA ALA B 234 9.77 -2.45 -29.36
C ALA B 234 8.54 -1.53 -29.44
N ALA B 235 8.23 -1.08 -30.66
CA ALA B 235 7.10 -0.21 -30.96
C ALA B 235 5.76 -0.92 -30.76
N GLY B 236 4.86 -0.31 -30.01
CA GLY B 236 3.48 -0.83 -29.84
C GLY B 236 2.71 -0.89 -31.16
N SER B 237 3.09 -0.03 -32.10
CA SER B 237 2.40 0.06 -33.37
C SER B 237 2.91 -0.95 -34.42
N LYS B 238 3.87 -1.78 -34.05
CA LYS B 238 4.41 -2.76 -34.99
C LYS B 238 3.50 -4.00 -35.12
N PRO B 239 3.03 -4.28 -36.34
CA PRO B 239 2.08 -5.38 -36.50
C PRO B 239 2.65 -6.71 -35.97
N GLY B 240 1.84 -7.43 -35.20
CA GLY B 240 2.23 -8.74 -34.67
C GLY B 240 3.42 -8.73 -33.71
N VAL B 241 3.70 -7.57 -33.11
CA VAL B 241 4.87 -7.39 -32.24
C VAL B 241 4.94 -8.38 -31.07
N ILE B 242 3.83 -8.54 -30.36
CA ILE B 242 3.81 -9.35 -29.15
C ILE B 242 4.03 -10.84 -29.43
N GLY B 243 3.40 -11.34 -30.51
CA GLY B 243 3.60 -12.72 -30.94
C GLY B 243 5.04 -13.00 -31.38
N ASP B 244 5.60 -12.04 -32.13
CA ASP B 244 6.99 -12.12 -32.59
C ASP B 244 7.98 -12.22 -31.45
N VAL B 245 7.79 -11.39 -30.43
CA VAL B 245 8.64 -11.40 -29.24
C VAL B 245 8.54 -12.77 -28.58
N MET B 246 7.32 -13.28 -28.44
CA MET B 246 7.10 -14.53 -27.73
C MET B 246 7.77 -15.69 -28.47
N GLU B 247 7.70 -15.66 -29.80
CA GLU B 247 8.29 -16.70 -30.65
C GLU B 247 9.82 -16.70 -30.66
N GLY B 248 10.43 -15.53 -30.50
CA GLY B 248 11.88 -15.38 -30.59
C GLY B 248 12.29 -14.71 -31.89
N ILE B 249 11.32 -14.17 -32.63
CA ILE B 249 11.64 -13.48 -33.89
C ILE B 249 12.25 -12.12 -33.57
N SER B 250 13.41 -11.85 -34.17
CA SER B 250 14.12 -10.60 -33.94
C SER B 250 13.26 -9.42 -34.33
N VAL B 251 12.85 -8.68 -33.31
CA VAL B 251 12.05 -7.48 -33.48
C VAL B 251 12.38 -6.58 -32.29
N GLY B 252 12.40 -5.27 -32.50
CA GLY B 252 12.86 -4.35 -31.46
C GLY B 252 14.29 -4.56 -30.97
N THR B 253 14.54 -4.10 -29.76
CA THR B 253 15.87 -4.16 -29.18
C THR B 253 15.96 -5.28 -28.13
N LEU B 254 16.84 -6.25 -28.38
CA LEU B 254 16.97 -7.38 -27.49
C LEU B 254 18.04 -7.17 -26.40
N PHE B 255 17.66 -7.46 -25.17
CA PHE B 255 18.60 -7.56 -24.04
C PHE B 255 18.58 -8.99 -23.50
N HIS B 256 19.69 -9.71 -23.63
CA HIS B 256 19.82 -11.02 -23.04
C HIS B 256 19.82 -10.97 -21.50
N ALA B 257 19.03 -11.86 -20.92
CA ALA B 257 19.14 -12.23 -19.50
C ALA B 257 20.59 -12.55 -19.11
N GLN B 258 20.93 -12.26 -17.86
CA GLN B 258 22.25 -12.58 -17.34
C GLN B 258 22.48 -14.09 -17.40
N ALA B 259 23.65 -14.47 -17.92
CA ALA B 259 24.02 -15.89 -18.07
C ALA B 259 23.75 -16.58 -16.76
N THR B 260 24.35 -16.04 -15.71
CA THR B 260 24.15 -16.53 -14.37
C THR B 260 23.45 -15.44 -13.54
N PRO B 261 22.13 -15.58 -13.34
CA PRO B 261 21.39 -14.47 -12.75
C PRO B 261 21.62 -14.29 -11.24
N LEU B 262 21.37 -13.07 -10.78
CA LEU B 262 21.29 -12.75 -9.38
C LEU B 262 20.44 -13.79 -8.65
N GLU B 263 20.97 -14.31 -7.54
CA GLU B 263 20.27 -15.28 -6.66
C GLU B 263 18.80 -14.94 -6.47
N ASN B 264 17.94 -15.93 -6.66
CA ASN B 264 16.49 -15.76 -6.52
C ASN B 264 16.08 -15.17 -5.17
N ARG B 265 16.69 -15.67 -4.09
CA ARG B 265 16.34 -15.26 -2.73
C ARG B 265 16.58 -13.78 -2.44
N LYS B 266 17.40 -13.11 -3.23
CA LYS B 266 17.62 -11.69 -2.96
C LYS B 266 17.03 -10.73 -4.02
N ARG B 267 16.30 -11.26 -4.97
CA ARG B 267 15.70 -10.41 -6.00
C ARG B 267 14.70 -9.40 -5.46
N TRP B 268 14.12 -9.68 -4.30
CA TRP B 268 13.13 -8.80 -3.68
C TRP B 268 13.73 -7.46 -3.24
N ILE B 269 15.04 -7.41 -3.05
CA ILE B 269 15.67 -6.16 -2.67
C ILE B 269 15.54 -5.10 -3.78
N PHE B 270 15.41 -5.54 -5.02
CA PHE B 270 15.14 -4.58 -6.12
C PHE B 270 13.87 -3.76 -5.87
N GLY B 271 12.94 -4.33 -5.12
CA GLY B 271 11.64 -3.71 -4.92
C GLY B 271 11.58 -2.70 -3.79
N ALA B 272 12.40 -2.93 -2.76
CA ALA B 272 12.33 -2.14 -1.55
C ALA B 272 12.75 -0.68 -1.76
N PRO B 273 12.06 0.24 -1.05
CA PRO B 273 12.43 1.65 -0.96
C PRO B 273 13.42 1.82 0.19
N PRO B 274 14.63 2.32 -0.09
CA PRO B 274 15.61 2.44 0.98
C PRO B 274 15.10 3.34 2.13
N ALA B 275 15.19 2.87 3.37
CA ALA B 275 14.66 3.56 4.54
C ALA B 275 15.62 4.59 5.14
N GLY B 276 16.85 4.55 4.65
CA GLY B 276 17.87 5.52 5.02
C GLY B 276 19.07 5.30 4.14
N GLU B 277 20.07 6.16 4.28
CA GLU B 277 21.32 6.02 3.52
C GLU B 277 22.60 6.07 4.35
N ILE B 278 23.55 5.24 3.94
CA ILE B 278 24.83 5.05 4.61
C ILE B 278 25.92 5.48 3.65
N THR B 279 26.84 6.32 4.12
CA THR B 279 27.95 6.78 3.29
C THR B 279 29.27 6.13 3.72
N VAL B 280 30.08 5.77 2.74
CA VAL B 280 31.07 4.73 2.88
C VAL B 280 32.43 5.07 2.28
N ASP B 281 33.47 4.38 2.77
CA ASP B 281 34.87 4.60 2.39
C ASP B 281 35.22 4.40 0.94
N GLU B 282 36.34 5.00 0.55
CA GLU B 282 36.97 4.73 -0.73
C GLU B 282 37.28 3.24 -0.81
N GLY B 283 37.82 2.69 0.28
CA GLY B 283 38.13 1.27 0.37
C GLY B 283 36.92 0.38 0.42
N ALA B 284 35.94 0.75 1.25
CA ALA B 284 34.68 0.01 1.38
C ALA B 284 33.92 -0.04 0.04
N THR B 285 33.84 1.09 -0.63
CA THR B 285 33.29 1.19 -1.98
C THR B 285 33.92 0.14 -2.89
N ALA B 286 35.24 0.17 -2.99
CA ALA B 286 36.00 -0.79 -3.81
C ALA B 286 35.69 -2.22 -3.39
N ALA B 287 35.73 -2.46 -2.08
CA ALA B 287 35.50 -3.79 -1.52
C ALA B 287 34.16 -4.36 -1.97
N ILE B 288 33.15 -3.51 -2.06
CA ILE B 288 31.80 -3.93 -2.43
C ILE B 288 31.66 -4.14 -3.93
N LEU B 289 32.16 -3.18 -4.72
CA LEU B 289 32.01 -3.22 -6.19
C LEU B 289 32.95 -4.23 -6.85
N GLU B 290 34.21 -4.27 -6.42
CA GLU B 290 35.16 -5.22 -6.97
C GLU B 290 35.02 -6.63 -6.37
N ARG B 291 35.33 -6.76 -5.07
CA ARG B 291 35.37 -8.06 -4.40
C ARG B 291 33.98 -8.67 -4.09
N GLY B 292 32.91 -7.90 -4.31
CA GLY B 292 31.56 -8.32 -3.91
C GLY B 292 31.37 -8.61 -2.41
N SER B 293 32.22 -7.99 -1.57
CA SER B 293 32.25 -8.25 -0.13
C SER B 293 31.14 -7.58 0.68
N SER B 294 31.02 -8.01 1.94
CA SER B 294 30.08 -7.43 2.90
C SER B 294 30.57 -6.04 3.30
N LEU B 295 29.73 -5.28 3.99
CA LEU B 295 30.11 -3.96 4.50
C LEU B 295 30.44 -3.99 6.00
N LEU B 296 31.70 -3.70 6.32
CA LEU B 296 32.12 -3.59 7.71
C LEU B 296 31.89 -2.16 8.21
N PRO B 297 31.52 -2.01 9.50
CA PRO B 297 31.31 -0.64 10.01
C PRO B 297 32.59 0.20 10.03
N LYS B 298 33.74 -0.46 9.90
CA LYS B 298 35.00 0.24 9.76
C LYS B 298 34.91 1.30 8.65
N GLY B 299 34.27 0.95 7.53
CA GLY B 299 34.18 1.84 6.38
C GLY B 299 33.09 2.90 6.37
N ILE B 300 32.21 2.91 7.36
CA ILE B 300 31.09 3.86 7.36
C ILE B 300 31.55 5.26 7.76
N LYS B 301 31.22 6.26 6.95
CA LYS B 301 31.56 7.64 7.25
C LYS B 301 30.42 8.39 7.94
N SER B 302 29.19 8.14 7.50
CA SER B 302 28.01 8.80 8.06
C SER B 302 26.73 7.97 7.80
N VAL B 303 25.66 8.32 8.49
CA VAL B 303 24.40 7.57 8.42
C VAL B 303 23.22 8.52 8.52
N THR B 304 22.36 8.57 7.49
CA THR B 304 21.15 9.43 7.50
C THR B 304 19.82 8.66 7.63
N GLY B 305 18.89 9.20 8.42
CA GLY B 305 17.55 8.62 8.61
C GLY B 305 17.40 7.81 9.89
N ASN B 306 16.17 7.40 10.20
CA ASN B 306 15.88 6.46 11.29
C ASN B 306 15.47 5.17 10.64
N PHE B 307 16.19 4.09 10.89
CA PHE B 307 15.77 2.80 10.36
C PHE B 307 16.21 1.69 11.29
N SER B 308 15.56 0.54 11.18
CA SER B 308 15.77 -0.57 12.11
C SER B 308 16.56 -1.70 11.45
N ARG B 309 17.10 -2.60 12.26
CA ARG B 309 17.66 -3.84 11.74
C ARG B 309 16.52 -4.54 11.01
N GLY B 310 16.82 -5.06 9.83
CA GLY B 310 15.79 -5.68 8.97
C GLY B 310 15.39 -4.81 7.80
N GLU B 311 15.54 -3.48 7.91
CA GLU B 311 15.13 -2.59 6.83
C GLU B 311 16.20 -2.45 5.75
N VAL B 312 15.76 -2.25 4.51
CA VAL B 312 16.66 -2.00 3.39
C VAL B 312 17.08 -0.53 3.33
N ILE B 313 18.38 -0.31 3.13
CA ILE B 313 18.97 1.02 3.09
C ILE B 313 19.83 1.20 1.85
N ARG B 314 20.13 2.44 1.51
CA ARG B 314 20.98 2.73 0.35
C ARG B 314 22.41 2.95 0.82
N ILE B 315 23.38 2.49 0.03
CA ILE B 315 24.79 2.75 0.31
C ILE B 315 25.39 3.71 -0.73
N CYS B 316 25.97 4.80 -0.23
CA CYS B 316 26.59 5.80 -1.11
C CYS B 316 28.11 5.81 -0.92
N ASN B 317 28.84 6.13 -1.99
CA ASN B 317 30.27 6.41 -1.88
C ASN B 317 30.46 7.89 -1.50
N LEU B 318 31.69 8.28 -1.22
CA LEU B 318 31.97 9.66 -0.84
C LEU B 318 31.53 10.62 -1.95
N GLU B 319 31.66 10.17 -3.20
CA GLU B 319 31.14 10.88 -4.38
C GLU B 319 29.65 11.29 -4.27
N GLY B 320 28.82 10.45 -3.67
CA GLY B 320 27.38 10.72 -3.53
C GLY B 320 26.50 9.80 -4.36
N ARG B 321 27.15 8.88 -5.05
CA ARG B 321 26.52 7.93 -5.95
C ARG B 321 26.02 6.68 -5.21
N ASP B 322 24.83 6.22 -5.61
CA ASP B 322 24.19 5.03 -5.06
C ASP B 322 24.89 3.76 -5.58
N ILE B 323 25.60 3.06 -4.69
CA ILE B 323 26.40 1.91 -5.12
C ILE B 323 25.83 0.56 -4.73
N ALA B 324 24.81 0.54 -3.88
CA ALA B 324 24.20 -0.69 -3.40
C ALA B 324 22.97 -0.40 -2.54
N HIS B 325 22.05 -1.37 -2.50
CA HIS B 325 20.97 -1.39 -1.52
C HIS B 325 21.12 -2.71 -0.77
N GLY B 326 20.85 -2.70 0.53
CA GLY B 326 21.02 -3.91 1.32
C GLY B 326 20.33 -3.80 2.66
N VAL B 327 20.09 -4.96 3.27
CA VAL B 327 19.44 -5.05 4.56
C VAL B 327 20.40 -4.73 5.71
N SER B 328 20.00 -3.76 6.53
CA SER B 328 20.74 -3.37 7.71
C SER B 328 20.63 -4.42 8.84
N ARG B 329 21.78 -4.73 9.44
CA ARG B 329 21.87 -5.63 10.58
C ARG B 329 21.68 -4.90 11.93
N TYR B 330 21.81 -3.57 11.91
CA TYR B 330 21.73 -2.74 13.12
C TYR B 330 20.74 -1.62 12.95
N ASN B 331 20.05 -1.26 14.03
CA ASN B 331 19.32 0.02 14.10
C ASN B 331 20.23 1.22 13.75
N SER B 332 19.64 2.26 13.12
CA SER B 332 20.41 3.41 12.63
C SER B 332 21.16 4.20 13.68
N ASP B 333 20.59 4.34 14.89
CA ASP B 333 21.30 5.01 16.00
C ASP B 333 22.53 4.21 16.42
N ALA B 334 22.44 2.89 16.31
CA ALA B 334 23.57 2.01 16.60
C ALA B 334 24.69 2.07 15.55
N LEU B 335 24.35 2.32 14.29
CA LEU B 335 25.34 2.41 13.24
C LEU B 335 26.20 3.66 13.35
N ARG B 336 25.59 4.78 13.74
CA ARG B 336 26.32 6.06 13.92
C ARG B 336 27.34 5.94 15.00
N ARG B 337 27.18 4.89 15.78
CA ARG B 337 27.84 4.72 17.03
C ARG B 337 29.04 3.80 16.80
N ILE B 338 28.89 2.87 15.86
CA ILE B 338 29.93 1.89 15.56
C ILE B 338 30.67 2.20 14.26
N ALA B 339 30.19 3.20 13.54
CA ALA B 339 30.88 3.71 12.35
C ALA B 339 32.33 4.06 12.67
N GLY B 340 33.27 3.53 11.87
CA GLY B 340 34.67 3.84 12.04
C GLY B 340 35.44 2.85 12.92
N HIS B 341 34.70 2.07 13.70
CA HIS B 341 35.32 1.13 14.65
C HIS B 341 35.41 -0.29 14.08
N HIS B 342 36.37 -1.06 14.59
CA HIS B 342 36.60 -2.43 14.13
C HIS B 342 35.49 -3.34 14.60
N SER B 343 35.46 -4.53 14.02
CA SER B 343 34.45 -5.56 14.32
C SER B 343 34.45 -6.01 15.79
N GLN B 344 35.64 -6.26 16.35
CA GLN B 344 35.76 -6.78 17.71
C GLN B 344 35.26 -5.78 18.76
N GLU B 345 35.14 -4.51 18.36
CA GLU B 345 34.72 -3.42 19.25
C GLU B 345 33.20 -3.28 19.42
N ILE B 346 32.41 -3.87 18.52
CA ILE B 346 30.97 -3.61 18.55
C ILE B 346 30.32 -3.98 19.89
N ASP B 347 30.61 -5.19 20.36
CA ASP B 347 30.09 -5.68 21.63
C ASP B 347 30.16 -4.59 22.71
N ALA B 348 31.35 -4.01 22.88
CA ALA B 348 31.61 -3.06 23.96
C ALA B 348 31.03 -1.64 23.76
N ILE B 349 30.85 -1.20 22.53
CA ILE B 349 30.24 0.13 22.29
C ILE B 349 28.73 0.14 22.59
N LEU B 350 28.03 -0.92 22.19
CA LEU B 350 26.56 -0.94 22.21
C LEU B 350 25.92 -1.67 23.39
N GLY B 351 26.66 -2.60 23.99
CA GLY B 351 26.07 -3.46 25.01
C GLY B 351 25.46 -4.73 24.44
N TYR B 352 25.55 -4.90 23.13
CA TYR B 352 25.04 -6.08 22.39
C TYR B 352 25.74 -6.17 21.04
N GLU B 353 25.53 -7.28 20.33
CA GLU B 353 25.99 -7.39 18.96
C GLU B 353 25.01 -8.20 18.14
N TYR B 354 24.91 -7.85 16.86
CA TYR B 354 24.24 -8.67 15.89
C TYR B 354 25.25 -9.03 14.79
N GLY B 355 26.36 -9.62 15.22
CA GLY B 355 27.43 -10.00 14.29
C GLY B 355 28.33 -8.84 13.86
N PRO B 356 29.41 -9.16 13.11
CA PRO B 356 30.48 -8.18 12.87
C PRO B 356 30.28 -7.27 11.65
N VAL B 357 29.19 -7.47 10.92
CA VAL B 357 28.99 -6.83 9.63
C VAL B 357 27.82 -5.84 9.69
N ALA B 358 27.97 -4.68 9.05
CA ALA B 358 26.85 -3.75 8.96
C ALA B 358 25.79 -4.22 7.95
N VAL B 359 26.22 -4.60 6.75
CA VAL B 359 25.35 -5.17 5.70
C VAL B 359 26.04 -6.38 5.05
N HIS B 360 25.38 -7.53 5.08
CA HIS B 360 25.97 -8.75 4.56
C HIS B 360 25.75 -8.84 3.07
N ARG B 361 26.75 -9.38 2.35
CA ARG B 361 26.66 -9.46 0.90
C ARG B 361 25.45 -10.28 0.43
N ASP B 362 25.06 -11.27 1.22
CA ASP B 362 23.88 -12.06 0.90
C ASP B 362 22.58 -11.28 0.94
N ASP B 363 22.57 -10.13 1.61
CA ASP B 363 21.38 -9.26 1.67
C ASP B 363 21.64 -7.93 0.95
N MET B 364 22.44 -8.01 -0.11
CA MET B 364 22.91 -6.81 -0.81
C MET B 364 22.84 -6.97 -2.33
N ILE B 365 22.48 -5.87 -2.99
CA ILE B 365 22.48 -5.79 -4.44
C ILE B 365 23.30 -4.59 -4.87
N THR B 366 24.39 -4.86 -5.58
CA THR B 366 25.31 -3.81 -5.99
C THR B 366 24.82 -3.05 -7.23
N ARG B 367 25.47 -1.93 -7.53
CA ARG B 367 25.52 -1.35 -8.88
C ARG B 367 24.37 -0.38 -9.16
#